data_1DLH
#
_entry.id   1DLH
#
_cell.length_a   94.600
_cell.length_b   94.600
_cell.length_c   247.500
_cell.angle_alpha   90.00
_cell.angle_beta   90.00
_cell.angle_gamma   90.00
#
_symmetry.space_group_name_H-M   'P 43 21 2'
#
loop_
_entity.id
_entity.type
_entity.pdbx_description
1 polymer 'CLASS II HISTOCOMPATIBILITY ANTIGEN (HLA-DR1) (ALPHA CHAIN)'
2 polymer 'CLASS II HISTOCOMPATIBILITY ANTIGEN (HLA-DR1) (BETA CHAIN)'
3 polymer 'ENTEROTOXIN TYPE B PRECURSOR'
4 branched 2-acetamido-2-deoxy-alpha-D-glucopyranose-(1-4)-2-acetamido-2-deoxy-beta-D-glucopyranose
5 non-polymer 2-acetamido-2-deoxy-beta-D-glucopyranose
6 water water
#
loop_
_entity_poly.entity_id
_entity_poly.type
_entity_poly.pdbx_seq_one_letter_code
_entity_poly.pdbx_strand_id
1 'polypeptide(L)'
;EEHVIIQAEFYLNPDQSGEFMFDFDGDEIFHVDMAKKETVWRLEEFGRFASFEAQGALANIAVDKANLEIMTKRSNYTPI
TNVPPEVTVLTNSPVELREPNVLICFIDKFTPPVVNVTWLRNGKPVTTGVSETVFLPREDHLFRKFHYLPFLPSTEDVYD
CRVEHWGLDEPLLKHWEFDA
;
A,D
2 'polypeptide(L)'
;TRPRFLWQLKFECHFFNGTERVRLLERCIYNQEESVRFDSDVGEYRAVTELGRPDAEYWNSQKDLLEQRRAAVDTYCRHN
YGVGESFTVQRRVEPKVTVYPSKTQPLQHHNLLVCSVSGFYPGSIEVRWFRNGQEEKAGVVSTGLIQNGDWTFQTLVMLE
TVPRSGEVYTCQVEHPSVTSPLTVEWRA
;
B,E
3 'polypeptide(L)' PKYVKQNTLKLAT C,F
#
loop_
_chem_comp.id
_chem_comp.type
_chem_comp.name
_chem_comp.formula
NAG D-saccharide, beta linking 2-acetamido-2-deoxy-beta-D-glucopyranose 'C8 H15 N O6'
NDG D-saccharide, alpha linking 2-acetamido-2-deoxy-alpha-D-glucopyranose 'C8 H15 N O6'
#
# COMPACT_ATOMS: atom_id res chain seq x y z
N GLU A 1 -5.29 -20.43 -9.84
CA GLU A 1 -4.14 -21.35 -10.00
C GLU A 1 -3.77 -22.04 -8.67
N GLU A 2 -2.56 -22.58 -8.63
CA GLU A 2 -2.12 -23.26 -7.44
C GLU A 2 -0.78 -22.86 -6.86
N HIS A 3 0.19 -22.59 -7.72
CA HIS A 3 1.49 -22.23 -7.25
C HIS A 3 2.14 -21.44 -8.34
N VAL A 4 3.08 -20.61 -7.93
CA VAL A 4 3.83 -19.81 -8.89
C VAL A 4 5.27 -19.91 -8.47
N ILE A 5 6.14 -20.07 -9.43
CA ILE A 5 7.56 -20.10 -9.16
C ILE A 5 7.97 -18.82 -9.99
N ILE A 6 8.82 -17.96 -9.44
CA ILE A 6 9.28 -16.76 -10.09
C ILE A 6 10.80 -16.59 -9.94
N GLN A 7 11.42 -16.20 -11.06
CA GLN A 7 12.87 -15.94 -11.17
C GLN A 7 12.85 -14.46 -11.35
N ALA A 8 13.13 -13.77 -10.29
CA ALA A 8 13.10 -12.35 -10.40
C ALA A 8 14.52 -11.96 -10.20
N GLU A 9 14.96 -11.04 -11.05
CA GLU A 9 16.30 -10.49 -10.99
C GLU A 9 16.15 -9.07 -11.40
N PHE A 10 17.09 -8.23 -10.99
CA PHE A 10 17.05 -6.81 -11.30
C PHE A 10 18.45 -6.18 -11.16
N TYR A 11 18.64 -5.01 -11.75
CA TYR A 11 19.90 -4.30 -11.57
C TYR A 11 19.51 -2.85 -11.32
N LEU A 12 20.19 -2.18 -10.41
CA LEU A 12 19.89 -0.79 -10.11
C LEU A 12 21.14 0.09 -10.24
N ASN A 13 20.92 1.27 -10.83
CA ASN A 13 21.96 2.31 -10.99
C ASN A 13 21.38 3.60 -10.37
N PRO A 14 22.25 4.51 -9.89
CA PRO A 14 23.69 4.45 -9.87
C PRO A 14 24.27 3.33 -9.02
N ASP A 15 23.58 2.94 -7.96
CA ASP A 15 24.06 1.90 -7.05
C ASP A 15 24.83 0.75 -7.67
N GLN A 16 24.51 0.40 -8.91
CA GLN A 16 25.22 -0.71 -9.52
C GLN A 16 24.96 -2.02 -8.78
N SER A 17 23.78 -2.16 -8.20
CA SER A 17 23.41 -3.38 -7.48
C SER A 17 22.36 -4.28 -8.15
N GLY A 18 22.58 -5.60 -8.16
CA GLY A 18 21.66 -6.47 -8.83
C GLY A 18 21.35 -7.61 -7.95
N GLU A 19 20.21 -8.25 -8.18
CA GLU A 19 19.81 -9.38 -7.39
C GLU A 19 19.24 -10.45 -8.32
N PHE A 20 19.39 -11.71 -7.93
CA PHE A 20 18.90 -12.84 -8.73
C PHE A 20 18.33 -13.83 -7.72
N MET A 21 17.06 -14.22 -7.89
CA MET A 21 16.42 -15.12 -6.92
C MET A 21 15.26 -15.89 -7.47
N PHE A 22 14.86 -16.92 -6.72
CA PHE A 22 13.69 -17.75 -7.09
C PHE A 22 12.75 -17.64 -5.93
N ASP A 23 11.46 -17.71 -6.26
CA ASP A 23 10.44 -17.56 -5.26
C ASP A 23 9.38 -18.59 -5.53
N PHE A 24 8.86 -19.23 -4.51
CA PHE A 24 7.80 -20.15 -4.72
C PHE A 24 6.71 -19.64 -3.86
N ASP A 25 5.57 -19.29 -4.45
CA ASP A 25 4.42 -18.78 -3.73
C ASP A 25 4.78 -17.73 -2.71
N GLY A 26 5.52 -16.72 -3.14
CA GLY A 26 5.87 -15.65 -2.21
C GLY A 26 7.02 -15.84 -1.28
N ASP A 27 7.46 -17.08 -1.04
CA ASP A 27 8.58 -17.36 -0.16
C ASP A 27 9.81 -17.56 -1.01
N GLU A 28 10.97 -17.00 -0.62
CA GLU A 28 12.21 -17.14 -1.37
C GLU A 28 12.78 -18.59 -1.35
N ILE A 29 13.20 -19.10 -2.50
CA ILE A 29 13.74 -20.46 -2.53
C ILE A 29 15.23 -20.41 -2.29
N PHE A 30 15.89 -19.50 -3.04
CA PHE A 30 17.32 -19.24 -2.93
C PHE A 30 17.63 -17.98 -3.73
N HIS A 31 18.83 -17.43 -3.61
CA HIS A 31 19.26 -16.27 -4.40
C HIS A 31 20.79 -16.43 -4.48
N VAL A 32 21.39 -15.83 -5.51
CA VAL A 32 22.82 -15.93 -5.79
C VAL A 32 23.64 -14.79 -5.22
N ASP A 33 24.62 -15.10 -4.39
CA ASP A 33 25.45 -14.06 -3.83
C ASP A 33 26.34 -13.52 -4.94
N MET A 34 26.07 -12.30 -5.37
CA MET A 34 26.83 -11.68 -6.43
C MET A 34 28.31 -11.63 -6.09
N ALA A 35 28.60 -11.31 -4.83
CA ALA A 35 29.95 -11.18 -4.31
C ALA A 35 30.68 -12.51 -4.22
N LYS A 36 30.23 -13.40 -3.33
CA LYS A 36 30.84 -14.71 -3.19
C LYS A 36 30.60 -15.57 -4.39
N LYS A 37 29.65 -15.15 -5.22
CA LYS A 37 29.34 -15.91 -6.40
C LYS A 37 28.96 -17.34 -5.98
N GLU A 38 27.91 -17.41 -5.18
CA GLU A 38 27.44 -18.68 -4.67
C GLU A 38 25.98 -18.64 -4.36
N THR A 39 25.24 -19.68 -4.71
CA THR A 39 23.82 -19.66 -4.40
C THR A 39 23.53 -19.90 -2.91
N VAL A 40 22.66 -19.06 -2.40
CA VAL A 40 22.31 -19.13 -1.01
C VAL A 40 20.86 -19.61 -0.79
N TRP A 41 20.69 -20.87 -0.36
CA TRP A 41 19.37 -21.44 -0.09
C TRP A 41 18.77 -20.65 1.08
N ARG A 42 17.44 -20.54 1.13
CA ARG A 42 16.73 -19.81 2.17
C ARG A 42 16.58 -20.64 3.47
N LEU A 43 16.41 -21.96 3.33
CA LEU A 43 16.41 -22.89 4.46
C LEU A 43 17.45 -23.91 3.98
N GLU A 44 18.56 -24.04 4.71
CA GLU A 44 19.66 -24.96 4.35
C GLU A 44 19.16 -26.29 3.81
N GLU A 45 18.05 -26.77 4.40
CA GLU A 45 17.39 -28.01 4.01
C GLU A 45 17.25 -28.08 2.51
N PHE A 46 16.91 -26.96 1.89
CA PHE A 46 16.73 -26.82 0.44
C PHE A 46 17.94 -27.23 -0.39
N GLY A 47 19.16 -27.02 0.14
CA GLY A 47 20.37 -27.35 -0.57
C GLY A 47 20.73 -28.84 -0.63
N ARG A 48 20.24 -29.60 0.33
CA ARG A 48 20.46 -31.04 0.43
C ARG A 48 19.59 -31.81 -0.49
N PHE A 49 19.15 -31.18 -1.56
CA PHE A 49 18.18 -31.83 -2.46
C PHE A 49 18.35 -31.33 -3.86
N ALA A 50 18.37 -30.00 -4.02
CA ALA A 50 18.44 -29.33 -5.30
C ALA A 50 19.69 -28.49 -5.46
N SER A 51 20.02 -28.11 -6.67
CA SER A 51 21.24 -27.29 -6.83
C SER A 51 20.93 -26.18 -7.84
N PHE A 52 21.83 -25.20 -7.94
CA PHE A 52 21.71 -24.14 -8.91
C PHE A 52 23.12 -23.68 -9.18
N GLU A 53 23.45 -23.35 -10.42
CA GLU A 53 24.79 -22.89 -10.75
C GLU A 53 24.94 -21.37 -10.59
N ALA A 54 25.41 -20.90 -9.44
CA ALA A 54 25.48 -19.46 -9.26
C ALA A 54 26.03 -18.62 -10.41
N GLN A 55 26.78 -19.22 -11.31
CA GLN A 55 27.35 -18.46 -12.42
C GLN A 55 26.28 -18.12 -13.41
N GLY A 56 25.26 -18.96 -13.48
CA GLY A 56 24.17 -18.70 -14.38
C GLY A 56 23.65 -17.28 -14.09
N ALA A 57 23.44 -16.97 -12.82
CA ALA A 57 22.93 -15.66 -12.50
C ALA A 57 23.88 -14.52 -12.87
N LEU A 58 25.15 -14.64 -12.49
CA LEU A 58 26.13 -13.58 -12.76
C LEU A 58 26.17 -13.31 -14.25
N ALA A 59 25.82 -14.33 -15.03
CA ALA A 59 25.76 -14.21 -16.45
C ALA A 59 24.61 -13.25 -16.76
N ASN A 60 23.38 -13.67 -16.40
CA ASN A 60 22.12 -12.92 -16.59
C ASN A 60 22.19 -11.47 -16.14
N ILE A 61 22.84 -11.21 -15.01
CA ILE A 61 22.89 -9.86 -14.50
C ILE A 61 23.67 -8.94 -15.41
N ALA A 62 24.66 -9.52 -16.07
CA ALA A 62 25.53 -8.77 -16.99
C ALA A 62 24.63 -8.10 -17.97
N VAL A 63 23.74 -8.88 -18.59
CA VAL A 63 22.81 -8.37 -19.58
C VAL A 63 21.93 -7.35 -18.93
N ASP A 64 21.45 -7.63 -17.71
CA ASP A 64 20.57 -6.69 -17.05
C ASP A 64 21.24 -5.35 -16.91
N LYS A 65 22.50 -5.36 -16.55
CA LYS A 65 23.21 -4.08 -16.42
C LYS A 65 23.18 -3.34 -17.78
N ALA A 66 23.31 -4.14 -18.84
CA ALA A 66 23.28 -3.64 -20.20
C ALA A 66 21.93 -3.05 -20.57
N ASN A 67 20.90 -3.91 -20.57
CA ASN A 67 19.53 -3.51 -20.88
C ASN A 67 19.12 -2.28 -20.08
N LEU A 68 19.69 -2.15 -18.89
CA LEU A 68 19.34 -1.02 -18.09
C LEU A 68 19.88 0.23 -18.74
N GLU A 69 21.19 0.25 -19.08
CA GLU A 69 21.85 1.44 -19.71
C GLU A 69 21.11 1.81 -20.98
N ILE A 70 20.63 0.79 -21.69
CA ILE A 70 19.84 1.04 -22.90
C ILE A 70 18.56 1.70 -22.54
N MET A 71 17.68 0.97 -21.84
CA MET A 71 16.35 1.48 -21.41
C MET A 71 16.28 2.85 -20.76
N THR A 72 17.30 3.22 -19.98
CA THR A 72 17.38 4.51 -19.32
C THR A 72 17.43 5.55 -20.42
N LYS A 73 18.33 5.33 -21.35
CA LYS A 73 18.43 6.28 -22.43
C LYS A 73 17.11 6.40 -23.16
N ARG A 74 16.57 5.31 -23.68
CA ARG A 74 15.35 5.52 -24.39
C ARG A 74 14.20 6.16 -23.60
N SER A 75 14.16 5.95 -22.29
CA SER A 75 13.09 6.50 -21.44
C SER A 75 13.18 8.00 -21.50
N ASN A 76 14.38 8.45 -21.81
CA ASN A 76 14.71 9.86 -21.88
C ASN A 76 15.19 10.29 -20.49
N TYR A 77 15.68 9.29 -19.75
CA TYR A 77 16.27 9.46 -18.43
C TYR A 77 15.29 9.78 -17.34
N THR A 78 14.10 9.19 -17.44
CA THR A 78 13.07 9.36 -16.40
C THR A 78 13.56 8.44 -15.26
N PRO A 79 13.91 9.00 -14.10
CA PRO A 79 14.40 8.18 -13.00
C PRO A 79 13.27 7.48 -12.23
N ILE A 80 13.57 6.64 -11.25
CA ILE A 80 12.51 6.01 -10.48
C ILE A 80 12.00 6.95 -9.39
N THR A 81 10.71 6.85 -9.13
CA THR A 81 10.02 7.63 -8.12
C THR A 81 10.05 6.86 -6.81
N ASN A 82 10.71 7.41 -5.80
CA ASN A 82 10.76 6.70 -4.54
C ASN A 82 9.38 6.48 -3.98
N VAL A 83 9.11 5.24 -3.59
CA VAL A 83 7.85 4.80 -2.98
C VAL A 83 8.32 4.28 -1.62
N PRO A 84 8.05 5.04 -0.57
CA PRO A 84 8.49 4.66 0.76
C PRO A 84 7.83 3.43 1.26
N PRO A 85 8.48 2.70 2.20
CA PRO A 85 8.04 1.45 2.83
C PRO A 85 6.83 1.56 3.70
N GLU A 86 6.27 0.41 4.04
CA GLU A 86 5.07 0.29 4.88
C GLU A 86 5.54 -0.72 5.94
N VAL A 87 6.20 -0.24 6.99
CA VAL A 87 6.72 -1.08 8.06
C VAL A 87 5.78 -1.57 9.19
N THR A 88 5.89 -2.83 9.59
CA THR A 88 5.08 -3.29 10.72
C THR A 88 5.83 -4.39 11.50
N VAL A 89 6.03 -4.19 12.79
CA VAL A 89 6.78 -5.12 13.63
C VAL A 89 5.78 -6.08 14.17
N LEU A 90 6.09 -7.34 14.05
CA LEU A 90 5.18 -8.41 14.46
C LEU A 90 5.94 -9.33 15.34
N THR A 91 5.40 -10.50 15.56
CA THR A 91 6.02 -11.48 16.41
C THR A 91 5.60 -12.87 15.85
N ASN A 92 6.53 -13.80 15.92
CA ASN A 92 6.34 -15.15 15.44
C ASN A 92 5.24 -16.01 16.02
N SER A 93 5.00 -15.79 17.31
CA SER A 93 4.03 -16.57 18.08
C SER A 93 3.74 -15.74 19.31
N PRO A 94 2.60 -15.95 19.95
CA PRO A 94 2.18 -15.21 21.13
C PRO A 94 3.29 -15.13 22.14
N VAL A 95 3.65 -13.92 22.60
CA VAL A 95 4.75 -13.82 23.56
C VAL A 95 4.42 -14.16 25.03
N GLU A 96 5.26 -15.02 25.62
CA GLU A 96 5.13 -15.45 27.01
C GLU A 96 6.41 -14.97 27.64
N LEU A 97 6.38 -14.56 28.90
CA LEU A 97 7.62 -14.15 29.54
C LEU A 97 8.63 -15.34 29.60
N ARG A 98 9.92 -15.01 29.43
CA ARG A 98 11.01 -15.99 29.43
C ARG A 98 10.85 -17.14 28.40
N GLU A 99 9.79 -17.13 27.61
CA GLU A 99 9.59 -18.12 26.54
C GLU A 99 10.07 -17.50 25.22
N PRO A 100 11.28 -17.90 24.73
CA PRO A 100 11.95 -17.44 23.50
C PRO A 100 10.98 -17.24 22.34
N ASN A 101 11.20 -16.15 21.61
CA ASN A 101 10.36 -15.72 20.48
C ASN A 101 11.25 -15.04 19.45
N VAL A 102 10.65 -14.44 18.42
CA VAL A 102 11.39 -13.69 17.42
C VAL A 102 10.48 -12.49 17.06
N LEU A 103 11.08 -11.33 16.81
CA LEU A 103 10.40 -10.11 16.34
C LEU A 103 10.74 -9.92 14.85
N ILE A 104 9.69 -9.92 14.00
CA ILE A 104 9.77 -9.75 12.57
C ILE A 104 9.47 -8.29 12.15
N CYS A 105 10.41 -7.63 11.47
CA CYS A 105 10.17 -6.29 10.98
C CYS A 105 9.75 -6.44 9.53
N PHE A 106 8.48 -6.21 9.20
CA PHE A 106 8.01 -6.39 7.84
C PHE A 106 8.03 -5.08 7.10
N ILE A 107 8.80 -5.04 6.02
CA ILE A 107 8.92 -3.87 5.15
C ILE A 107 8.23 -4.21 3.81
N ASP A 108 7.15 -3.48 3.47
CA ASP A 108 6.38 -3.75 2.24
C ASP A 108 6.22 -2.52 1.32
N LYS A 109 5.62 -2.73 0.13
CA LYS A 109 5.32 -1.70 -0.88
C LYS A 109 6.34 -0.61 -1.29
N PHE A 110 7.63 -0.89 -1.27
CA PHE A 110 8.57 0.16 -1.63
C PHE A 110 9.40 -0.06 -2.91
N THR A 111 9.93 1.04 -3.42
CA THR A 111 10.83 1.03 -4.57
C THR A 111 11.57 2.41 -4.60
N PRO A 112 12.88 2.47 -4.93
CA PRO A 112 13.88 1.47 -5.32
C PRO A 112 14.28 0.45 -4.20
N PRO A 113 14.68 -0.77 -4.58
CA PRO A 113 15.08 -1.78 -3.59
C PRO A 113 16.36 -1.43 -2.82
N VAL A 114 16.33 -0.34 -2.03
CA VAL A 114 17.47 0.09 -1.20
C VAL A 114 16.82 0.54 0.10
N VAL A 115 17.36 0.19 1.27
CA VAL A 115 16.66 0.46 2.53
C VAL A 115 17.60 0.07 3.71
N ASN A 116 17.64 0.84 4.79
CA ASN A 116 18.56 0.51 5.91
C ASN A 116 17.74 0.20 7.14
N VAL A 117 17.81 -1.05 7.65
CA VAL A 117 17.03 -1.49 8.78
C VAL A 117 17.95 -1.78 9.88
N THR A 118 17.63 -1.24 11.04
CA THR A 118 18.40 -1.38 12.30
C THR A 118 17.47 -1.86 13.39
N TRP A 119 17.88 -2.78 14.23
CA TRP A 119 17.00 -3.17 15.33
C TRP A 119 17.53 -2.38 16.46
N LEU A 120 16.70 -2.02 17.43
CA LEU A 120 17.17 -1.23 18.56
C LEU A 120 16.44 -1.81 19.74
N ARG A 121 17.15 -2.12 20.82
CA ARG A 121 16.55 -2.63 22.03
C ARG A 121 16.91 -1.59 23.03
N ASN A 122 15.92 -0.92 23.61
CA ASN A 122 16.18 0.13 24.58
C ASN A 122 16.99 1.30 24.01
N GLY A 123 16.64 1.72 22.79
CA GLY A 123 17.30 2.85 22.17
C GLY A 123 18.62 2.53 21.50
N LYS A 124 19.18 1.35 21.82
CA LYS A 124 20.47 0.90 21.31
C LYS A 124 20.40 -0.18 20.27
N PRO A 125 21.28 -0.11 19.27
CA PRO A 125 21.37 -1.06 18.16
C PRO A 125 21.62 -2.44 18.66
N VAL A 126 21.15 -3.44 17.91
CA VAL A 126 21.26 -4.84 18.27
C VAL A 126 21.56 -5.71 17.07
N THR A 127 22.57 -6.56 17.20
CA THR A 127 22.94 -7.47 16.10
C THR A 127 22.81 -8.99 16.46
N THR A 128 22.52 -9.24 17.74
CA THR A 128 22.38 -10.57 18.31
C THR A 128 21.46 -11.48 17.52
N GLY A 129 22.09 -12.26 16.66
CA GLY A 129 21.37 -13.24 15.86
C GLY A 129 20.37 -12.70 14.84
N VAL A 130 20.33 -11.38 14.70
CA VAL A 130 19.44 -10.74 13.76
C VAL A 130 19.82 -11.24 12.35
N SER A 131 18.89 -11.20 11.41
CA SER A 131 19.11 -11.62 10.01
C SER A 131 18.05 -11.06 9.11
N GLU A 132 18.14 -11.35 7.82
CA GLU A 132 17.18 -10.79 6.88
C GLU A 132 16.98 -11.62 5.61
N THR A 133 16.19 -11.06 4.71
CA THR A 133 15.88 -11.69 3.47
C THR A 133 16.30 -10.71 2.38
N VAL A 134 16.44 -11.20 1.14
CA VAL A 134 16.81 -10.36 0.01
C VAL A 134 15.49 -9.65 -0.40
N PHE A 135 15.52 -8.83 -1.44
CA PHE A 135 14.32 -8.13 -1.85
C PHE A 135 13.38 -9.05 -2.56
N LEU A 136 12.29 -9.38 -1.90
CA LEU A 136 11.27 -10.23 -2.48
C LEU A 136 10.39 -9.38 -3.41
N PRO A 137 10.11 -9.87 -4.63
CA PRO A 137 9.28 -9.13 -5.57
C PRO A 137 7.78 -9.12 -5.19
N ARG A 138 7.00 -8.25 -5.84
CA ARG A 138 5.57 -8.17 -5.66
C ARG A 138 4.98 -7.87 -7.02
N GLU A 139 3.74 -8.28 -7.22
CA GLU A 139 3.04 -8.04 -8.48
C GLU A 139 3.00 -6.62 -8.94
N ASP A 140 3.01 -5.67 -8.02
CA ASP A 140 2.96 -4.27 -8.46
C ASP A 140 4.27 -3.67 -8.89
N HIS A 141 5.29 -4.49 -8.99
CA HIS A 141 6.64 -4.08 -9.32
C HIS A 141 7.44 -3.32 -8.25
N LEU A 142 6.88 -3.31 -7.02
CA LEU A 142 7.46 -2.77 -5.78
C LEU A 142 8.08 -4.01 -5.08
N PHE A 143 8.78 -3.83 -3.95
CA PHE A 143 9.50 -4.94 -3.28
C PHE A 143 8.95 -5.20 -1.91
N ARG A 144 9.51 -6.22 -1.27
CA ARG A 144 9.09 -6.66 0.03
C ARG A 144 10.32 -7.19 0.71
N LYS A 145 10.39 -7.19 2.03
CA LYS A 145 11.58 -7.67 2.74
C LYS A 145 11.35 -7.90 4.26
N PHE A 146 12.07 -8.87 4.87
CA PHE A 146 11.95 -9.15 6.29
C PHE A 146 13.26 -9.13 7.07
N HIS A 147 13.23 -8.74 8.34
CA HIS A 147 14.39 -8.75 9.21
C HIS A 147 13.89 -9.43 10.42
N TYR A 148 14.69 -10.32 11.02
CA TYR A 148 14.20 -11.05 12.20
C TYR A 148 15.16 -10.82 13.37
N LEU A 149 14.62 -10.65 14.57
CA LEU A 149 15.45 -10.52 15.78
C LEU A 149 15.01 -11.53 16.85
N PRO A 150 15.76 -12.62 17.03
CA PRO A 150 15.38 -13.60 18.05
C PRO A 150 15.54 -12.90 19.42
N PHE A 151 14.55 -13.05 20.29
CA PHE A 151 14.64 -12.37 21.57
C PHE A 151 14.02 -13.24 22.67
N LEU A 152 13.89 -12.68 23.87
CA LEU A 152 13.35 -13.39 25.01
C LEU A 152 12.64 -12.25 25.80
N PRO A 153 11.30 -12.28 25.78
CA PRO A 153 10.42 -11.28 26.42
C PRO A 153 10.81 -11.00 27.82
N SER A 154 10.48 -9.80 28.30
CA SER A 154 10.76 -9.33 29.64
C SER A 154 10.02 -7.98 29.84
N THR A 155 9.59 -7.73 31.06
CA THR A 155 8.92 -6.47 31.31
C THR A 155 9.90 -5.33 31.15
N GLU A 156 11.19 -5.66 31.16
CA GLU A 156 12.23 -4.65 31.11
C GLU A 156 12.65 -4.10 29.80
N ASP A 157 12.20 -4.65 28.70
CA ASP A 157 12.63 -4.10 27.43
C ASP A 157 11.52 -3.57 26.53
N VAL A 158 11.97 -2.78 25.55
CA VAL A 158 11.14 -2.21 24.48
C VAL A 158 12.03 -2.18 23.23
N TYR A 159 11.46 -2.55 22.05
CA TYR A 159 12.18 -2.62 20.77
C TYR A 159 11.67 -1.69 19.71
N ASP A 160 12.49 -1.49 18.69
CA ASP A 160 12.18 -0.62 17.58
C ASP A 160 12.88 -1.19 16.34
N CYS A 161 12.21 -1.10 15.20
CA CYS A 161 12.82 -1.48 13.97
C CYS A 161 12.94 -0.07 13.34
N ARG A 162 14.17 0.30 13.03
CA ARG A 162 14.47 1.58 12.45
C ARG A 162 14.76 1.45 10.93
N VAL A 163 13.83 1.87 10.08
CA VAL A 163 13.97 1.79 8.62
C VAL A 163 14.27 3.13 7.95
N GLU A 164 15.28 3.15 7.10
CA GLU A 164 15.67 4.34 6.35
C GLU A 164 15.41 4.02 4.89
N HIS A 165 14.76 4.93 4.20
CA HIS A 165 14.43 4.74 2.78
C HIS A 165 14.31 6.11 2.14
N TRP A 166 14.74 6.22 0.88
CA TRP A 166 14.79 7.49 0.14
C TRP A 166 13.50 8.23 -0.01
N GLY A 167 12.39 7.48 -0.08
CA GLY A 167 11.08 8.12 -0.23
C GLY A 167 10.40 8.50 1.07
N LEU A 168 11.16 8.49 2.14
CA LEU A 168 10.74 8.78 3.51
C LEU A 168 11.44 10.06 3.98
N ASP A 169 10.71 10.94 4.65
CA ASP A 169 11.24 12.23 5.11
C ASP A 169 12.25 12.03 6.19
N GLU A 170 12.24 10.87 6.81
CA GLU A 170 13.18 10.61 7.90
C GLU A 170 12.96 9.22 8.53
N PRO A 171 14.04 8.56 8.95
CA PRO A 171 14.09 7.26 9.60
C PRO A 171 12.80 6.93 10.29
N LEU A 172 12.19 5.81 9.88
CA LEU A 172 10.93 5.35 10.47
C LEU A 172 11.20 4.39 11.62
N LEU A 173 10.64 4.69 12.78
CA LEU A 173 10.75 3.84 13.93
C LEU A 173 9.44 3.12 14.08
N LYS A 174 9.48 1.77 14.09
CA LYS A 174 8.27 0.96 14.30
C LYS A 174 8.54 0.29 15.63
N HIS A 175 7.68 0.50 16.63
CA HIS A 175 7.88 0.06 18.02
C HIS A 175 7.19 -1.20 18.52
N TRP A 176 7.80 -1.87 19.53
CA TRP A 176 7.26 -3.10 20.17
C TRP A 176 7.66 -3.14 21.65
N GLU A 177 6.80 -3.69 22.48
CA GLU A 177 7.08 -3.84 23.90
C GLU A 177 6.01 -4.74 24.48
N PHE A 178 6.40 -5.69 25.33
CA PHE A 178 5.43 -6.65 25.93
C PHE A 178 4.32 -5.96 26.73
N ASP A 179 3.12 -6.53 26.66
CA ASP A 179 1.99 -5.94 27.37
C ASP A 179 1.30 -6.82 28.41
N ALA A 180 1.47 -6.44 29.66
CA ALA A 180 0.88 -7.16 30.77
C ALA A 180 -0.15 -6.20 31.37
N THR B 1 21.85 12.77 -3.36
CA THR B 1 21.91 11.43 -4.00
C THR B 1 21.14 11.46 -5.41
N ARG B 2 21.86 11.21 -6.50
CA ARG B 2 21.36 11.21 -7.88
C ARG B 2 20.04 10.49 -8.19
N PRO B 3 19.49 10.61 -9.45
CA PRO B 3 18.23 9.93 -9.80
C PRO B 3 18.51 8.44 -9.91
N ARG B 4 17.48 7.57 -9.72
CA ARG B 4 17.71 6.13 -9.82
C ARG B 4 16.99 5.52 -11.02
N PHE B 5 17.50 4.40 -11.51
CA PHE B 5 16.98 3.70 -12.67
C PHE B 5 17.04 2.22 -12.38
N LEU B 6 15.89 1.60 -12.51
CA LEU B 6 15.74 0.21 -12.23
C LEU B 6 15.18 -0.56 -13.41
N TRP B 7 15.83 -1.70 -13.68
CA TRP B 7 15.46 -2.63 -14.74
C TRP B 7 15.28 -3.90 -13.95
N GLN B 8 14.20 -4.59 -14.25
CA GLN B 8 13.85 -5.78 -13.53
C GLN B 8 13.35 -6.74 -14.59
N LEU B 9 13.50 -8.03 -14.34
CA LEU B 9 13.08 -9.07 -15.29
C LEU B 9 12.45 -10.25 -14.52
N LYS B 10 11.29 -10.74 -14.96
CA LYS B 10 10.65 -11.79 -14.19
C LYS B 10 10.03 -12.85 -15.04
N PHE B 11 10.35 -14.11 -14.77
CA PHE B 11 9.74 -15.20 -15.51
C PHE B 11 8.92 -15.89 -14.43
N GLU B 12 7.62 -15.96 -14.64
CA GLU B 12 6.79 -16.57 -13.66
C GLU B 12 6.01 -17.66 -14.25
N CYS B 13 6.16 -18.85 -13.64
CA CYS B 13 5.45 -20.05 -14.02
C CYS B 13 4.29 -20.22 -13.04
N HIS B 14 3.04 -20.24 -13.56
CA HIS B 14 1.78 -20.42 -12.78
C HIS B 14 1.26 -21.78 -13.09
N PHE B 15 1.24 -22.65 -12.09
CA PHE B 15 0.77 -24.02 -12.31
C PHE B 15 -0.64 -24.22 -11.86
N PHE B 16 -1.47 -24.79 -12.73
CA PHE B 16 -2.85 -25.06 -12.40
C PHE B 16 -3.09 -26.56 -12.30
N ASN B 17 -3.79 -26.99 -11.26
CA ASN B 17 -4.14 -28.41 -11.04
C ASN B 17 -2.90 -29.33 -11.04
N GLY B 18 -1.72 -28.73 -10.85
CA GLY B 18 -0.52 -29.53 -10.82
C GLY B 18 0.46 -29.18 -11.92
N THR B 19 0.46 -29.97 -12.97
CA THR B 19 1.31 -29.72 -14.10
C THR B 19 0.41 -29.91 -15.33
N GLU B 20 -0.87 -30.15 -15.11
CA GLU B 20 -1.73 -30.33 -16.23
C GLU B 20 -1.82 -29.02 -17.06
N ARG B 21 -1.52 -27.90 -16.42
CA ARG B 21 -1.66 -26.58 -17.04
C ARG B 21 -0.60 -25.69 -16.41
N VAL B 22 0.19 -25.03 -17.26
CA VAL B 22 1.29 -24.17 -16.85
C VAL B 22 1.27 -22.97 -17.83
N ARG B 23 1.60 -21.78 -17.33
CA ARG B 23 1.66 -20.56 -18.14
C ARG B 23 2.90 -19.72 -17.85
N LEU B 24 3.79 -19.62 -18.82
CA LEU B 24 4.97 -18.86 -18.60
C LEU B 24 4.55 -17.46 -18.94
N LEU B 25 5.14 -16.49 -18.29
CA LEU B 25 4.83 -15.10 -18.47
C LEU B 25 6.16 -14.42 -18.19
N GLU B 26 6.74 -13.82 -19.19
CA GLU B 26 8.02 -13.20 -18.95
C GLU B 26 7.78 -11.70 -19.04
N ARG B 27 8.16 -10.97 -17.99
CA ARG B 27 7.91 -9.55 -17.96
C ARG B 27 9.18 -8.80 -17.78
N CYS B 28 9.33 -7.72 -18.55
CA CYS B 28 10.49 -6.83 -18.45
C CYS B 28 9.88 -5.57 -17.89
N ILE B 29 10.49 -5.02 -16.85
CA ILE B 29 9.95 -3.86 -16.15
C ILE B 29 10.99 -2.79 -15.97
N TYR B 30 10.71 -1.61 -16.47
CA TYR B 30 11.64 -0.53 -16.31
C TYR B 30 10.98 0.41 -15.31
N ASN B 31 11.64 0.60 -14.19
CA ASN B 31 11.13 1.50 -13.17
C ASN B 31 9.92 0.91 -12.44
N GLN B 32 8.68 1.27 -12.79
CA GLN B 32 7.52 0.67 -12.18
C GLN B 32 6.53 0.31 -13.28
N GLU B 33 6.94 0.61 -14.51
CA GLU B 33 6.19 0.38 -15.72
C GLU B 33 6.76 -0.86 -16.44
N GLU B 34 5.92 -1.85 -16.66
CA GLU B 34 6.34 -3.05 -17.36
C GLU B 34 6.29 -2.55 -18.83
N SER B 35 7.26 -2.93 -19.67
CA SER B 35 7.28 -2.49 -21.06
C SER B 35 7.02 -3.55 -22.06
N VAL B 36 7.49 -4.76 -21.77
CA VAL B 36 7.31 -5.89 -22.72
C VAL B 36 7.14 -7.22 -22.04
N ARG B 37 6.48 -8.16 -22.70
CA ARG B 37 6.33 -9.45 -22.04
C ARG B 37 6.17 -10.57 -23.05
N PHE B 38 6.29 -11.82 -22.60
CA PHE B 38 6.08 -12.99 -23.43
C PHE B 38 5.06 -13.74 -22.65
N ASP B 39 3.95 -14.14 -23.25
CA ASP B 39 2.92 -14.86 -22.50
C ASP B 39 2.65 -16.13 -23.27
N SER B 40 3.08 -17.27 -22.73
CA SER B 40 2.92 -18.58 -23.34
C SER B 40 1.57 -18.85 -23.97
N ASP B 41 0.52 -18.22 -23.43
CA ASP B 41 -0.85 -18.40 -23.91
C ASP B 41 -1.04 -17.66 -25.24
N VAL B 42 -0.14 -16.72 -25.55
CA VAL B 42 -0.19 -15.92 -26.76
C VAL B 42 0.98 -16.19 -27.76
N GLY B 43 1.91 -17.04 -27.36
CA GLY B 43 2.99 -17.39 -28.23
C GLY B 43 4.01 -16.34 -28.57
N GLU B 44 3.76 -15.06 -28.39
CA GLU B 44 4.85 -14.14 -28.76
C GLU B 44 4.97 -12.93 -27.85
N TYR B 45 5.97 -12.11 -28.09
CA TYR B 45 6.12 -10.93 -27.28
C TYR B 45 5.12 -9.84 -27.71
N ARG B 46 4.79 -8.97 -26.75
CA ARG B 46 3.84 -7.89 -26.92
C ARG B 46 4.41 -6.75 -26.11
N ALA B 47 4.47 -5.55 -26.69
CA ALA B 47 4.91 -4.40 -25.96
C ALA B 47 3.67 -3.97 -25.13
N VAL B 48 3.87 -3.63 -23.86
CA VAL B 48 2.72 -3.16 -23.07
C VAL B 48 2.77 -1.62 -23.15
N THR B 49 3.97 -1.04 -23.12
CA THR B 49 4.07 0.39 -23.28
C THR B 49 4.93 0.60 -24.53
N GLU B 50 4.90 1.79 -25.11
CA GLU B 50 5.67 2.06 -26.31
C GLU B 50 7.19 1.76 -26.22
N LEU B 51 7.81 2.05 -25.08
CA LEU B 51 9.24 1.78 -24.92
C LEU B 51 9.56 0.31 -25.09
N GLY B 52 8.58 -0.56 -25.02
CA GLY B 52 8.91 -1.96 -25.17
C GLY B 52 8.72 -2.45 -26.60
N ARG B 53 8.30 -1.56 -27.49
CA ARG B 53 8.04 -1.87 -28.92
C ARG B 53 9.25 -2.42 -29.69
N PRO B 54 10.38 -1.69 -29.68
CA PRO B 54 11.56 -2.15 -30.38
C PRO B 54 11.77 -3.62 -30.10
N ASP B 55 11.92 -3.96 -28.82
CA ASP B 55 12.17 -5.35 -28.44
C ASP B 55 11.02 -6.26 -28.85
N ALA B 56 9.80 -5.92 -28.47
CA ALA B 56 8.71 -6.78 -28.85
C ALA B 56 8.81 -7.19 -30.33
N GLU B 57 9.25 -6.27 -31.19
CA GLU B 57 9.35 -6.56 -32.61
C GLU B 57 10.67 -7.25 -32.95
N TYR B 58 11.74 -6.81 -32.29
CA TYR B 58 13.08 -7.36 -32.46
C TYR B 58 13.05 -8.84 -32.16
N TRP B 59 12.87 -9.15 -30.87
CA TRP B 59 12.81 -10.50 -30.35
C TRP B 59 11.81 -11.31 -31.04
N ASN B 60 10.70 -10.71 -31.45
CA ASN B 60 9.71 -11.51 -32.13
C ASN B 60 10.20 -12.07 -33.49
N SER B 61 11.24 -11.42 -34.04
CA SER B 61 11.90 -11.77 -35.33
C SER B 61 12.68 -13.09 -35.25
N GLN B 62 13.45 -13.13 -34.16
CA GLN B 62 14.30 -14.21 -33.76
C GLN B 62 13.38 -15.41 -33.43
N LYS B 63 12.95 -16.05 -34.52
CA LYS B 63 12.09 -17.24 -34.51
C LYS B 63 12.67 -18.37 -33.65
N ASP B 64 13.99 -18.36 -33.47
CA ASP B 64 14.66 -19.32 -32.62
C ASP B 64 14.36 -18.92 -31.16
N LEU B 65 14.45 -17.63 -30.85
CA LEU B 65 14.13 -17.12 -29.50
C LEU B 65 12.66 -17.45 -29.27
N LEU B 66 11.86 -17.34 -30.31
CA LEU B 66 10.44 -17.65 -30.17
C LEU B 66 10.20 -19.13 -30.08
N GLU B 67 11.11 -19.90 -30.65
CA GLU B 67 10.90 -21.32 -30.64
C GLU B 67 11.04 -21.92 -29.27
N GLN B 68 12.12 -21.55 -28.59
CA GLN B 68 12.43 -22.02 -27.25
C GLN B 68 11.45 -21.59 -26.16
N ARG B 69 11.28 -20.26 -26.00
CA ARG B 69 10.39 -19.71 -25.01
C ARG B 69 9.13 -20.51 -25.03
N ARG B 70 8.60 -20.84 -26.22
CA ARG B 70 7.37 -21.65 -26.26
C ARG B 70 7.48 -23.06 -25.67
N ALA B 71 8.69 -23.57 -25.57
CA ALA B 71 9.00 -24.89 -25.00
C ALA B 71 9.44 -24.75 -23.56
N ALA B 72 9.76 -23.52 -23.15
CA ALA B 72 10.21 -23.24 -21.80
C ALA B 72 9.25 -23.80 -20.78
N VAL B 73 8.00 -23.92 -21.19
CA VAL B 73 6.95 -24.44 -20.36
C VAL B 73 7.22 -25.84 -19.84
N ASP B 74 8.07 -26.58 -20.52
CA ASP B 74 8.42 -27.94 -20.06
C ASP B 74 9.91 -27.93 -19.73
N THR B 75 10.68 -27.29 -20.58
CA THR B 75 12.10 -27.29 -20.33
C THR B 75 12.48 -26.48 -19.11
N TYR B 76 11.61 -25.53 -18.74
CA TYR B 76 11.87 -24.66 -17.59
C TYR B 76 10.81 -24.77 -16.48
N CYS B 77 9.55 -24.49 -16.77
CA CYS B 77 8.55 -24.55 -15.73
C CYS B 77 8.36 -25.92 -15.10
N ARG B 78 7.85 -26.85 -15.85
CA ARG B 78 7.70 -28.16 -15.31
C ARG B 78 9.03 -28.73 -14.76
N HIS B 79 10.16 -28.44 -15.40
CA HIS B 79 11.42 -28.98 -14.92
C HIS B 79 11.69 -28.56 -13.50
N ASN B 80 11.81 -27.24 -13.32
CA ASN B 80 12.03 -26.65 -12.00
C ASN B 80 10.93 -27.04 -10.99
N TYR B 81 9.67 -27.13 -11.48
CA TYR B 81 8.59 -27.51 -10.60
C TYR B 81 8.89 -28.92 -10.12
N GLY B 82 9.62 -29.66 -10.94
CA GLY B 82 9.96 -31.01 -10.58
C GLY B 82 11.17 -30.96 -9.68
N VAL B 83 12.06 -29.97 -9.85
CA VAL B 83 13.30 -29.91 -9.04
C VAL B 83 13.24 -29.56 -7.56
N GLY B 84 12.05 -29.27 -7.02
CA GLY B 84 11.96 -28.94 -5.62
C GLY B 84 10.62 -29.20 -5.02
N GLU B 85 9.78 -29.90 -5.76
CA GLU B 85 8.45 -30.24 -5.34
C GLU B 85 8.36 -30.87 -3.96
N SER B 86 9.41 -31.51 -3.52
CA SER B 86 9.32 -32.16 -2.22
C SER B 86 9.43 -31.19 -1.09
N PHE B 87 10.21 -30.15 -1.30
CA PHE B 87 10.34 -29.24 -0.23
C PHE B 87 9.46 -28.01 -0.37
N THR B 88 8.94 -27.77 -1.55
CA THR B 88 8.11 -26.61 -1.71
C THR B 88 6.71 -27.13 -1.76
N VAL B 89 6.22 -27.55 -2.91
CA VAL B 89 4.85 -28.04 -3.06
C VAL B 89 4.34 -28.95 -1.92
N GLN B 90 5.13 -29.97 -1.62
CA GLN B 90 4.84 -30.98 -0.59
C GLN B 90 5.01 -30.56 0.88
N ARG B 91 5.18 -29.28 1.20
CA ARG B 91 5.40 -28.83 2.57
C ARG B 91 4.13 -28.62 3.39
N ARG B 92 4.27 -29.01 4.65
CA ARG B 92 3.22 -28.91 5.64
C ARG B 92 3.86 -28.78 7.00
N VAL B 93 3.74 -27.64 7.60
CA VAL B 93 4.24 -27.47 8.94
C VAL B 93 2.88 -27.37 9.66
N GLU B 94 2.78 -27.75 10.92
CA GLU B 94 1.44 -27.72 11.52
C GLU B 94 1.07 -26.46 12.32
N PRO B 95 -0.19 -26.06 12.27
CA PRO B 95 -0.53 -24.87 13.02
C PRO B 95 -0.46 -25.05 14.50
N LYS B 96 0.01 -24.02 15.18
CA LYS B 96 0.08 -23.93 16.65
C LYS B 96 -0.99 -22.90 17.09
N VAL B 97 -2.17 -23.39 17.52
CA VAL B 97 -3.34 -22.59 17.98
C VAL B 97 -3.38 -22.13 19.47
N THR B 98 -3.74 -20.88 19.72
CA THR B 98 -3.81 -20.39 21.11
C THR B 98 -5.06 -19.55 21.27
N VAL B 99 -5.74 -19.63 22.42
CA VAL B 99 -6.96 -18.84 22.67
C VAL B 99 -6.76 -18.09 23.98
N TYR B 100 -6.79 -16.78 23.90
CA TYR B 100 -6.61 -15.98 25.10
C TYR B 100 -7.44 -14.73 24.90
N PRO B 101 -8.08 -14.23 25.95
CA PRO B 101 -8.86 -13.02 25.71
C PRO B 101 -7.93 -11.85 25.82
N SER B 102 -8.15 -10.78 25.08
CA SER B 102 -7.26 -9.63 25.29
C SER B 102 -7.94 -8.82 26.38
N LYS B 103 -7.20 -8.13 27.23
CA LYS B 103 -7.83 -7.32 28.28
C LYS B 103 -8.55 -8.10 29.34
N THR B 104 -7.76 -8.43 30.38
CA THR B 104 -8.21 -9.15 31.57
C THR B 104 -9.31 -8.35 32.33
N GLN B 105 -10.56 -8.61 31.94
CA GLN B 105 -11.72 -7.97 32.52
C GLN B 105 -12.50 -8.90 33.38
N PRO B 106 -13.29 -8.35 34.29
CA PRO B 106 -14.14 -9.15 35.18
C PRO B 106 -15.25 -9.64 34.23
N LEU B 107 -16.11 -10.57 34.63
CA LEU B 107 -17.08 -11.06 33.64
C LEU B 107 -18.20 -10.10 33.33
N GLN B 108 -18.94 -10.43 32.28
CA GLN B 108 -20.06 -9.66 31.83
C GLN B 108 -19.83 -8.39 31.02
N HIS B 109 -18.62 -7.86 31.01
CA HIS B 109 -18.35 -6.68 30.20
C HIS B 109 -17.63 -7.11 28.86
N HIS B 110 -17.97 -6.50 27.70
CA HIS B 110 -17.38 -6.84 26.38
C HIS B 110 -15.90 -7.18 26.36
N ASN B 111 -15.52 -8.27 25.69
CA ASN B 111 -14.13 -8.73 25.62
C ASN B 111 -13.94 -9.19 24.20
N LEU B 112 -12.71 -9.16 23.71
CA LEU B 112 -12.40 -9.61 22.35
C LEU B 112 -11.58 -10.84 22.54
N LEU B 113 -12.10 -12.01 22.16
CA LEU B 113 -11.34 -13.25 22.31
C LEU B 113 -10.53 -13.50 21.06
N VAL B 114 -9.21 -13.62 21.23
CA VAL B 114 -8.21 -13.85 20.18
C VAL B 114 -7.85 -15.35 19.91
N CYS B 115 -7.82 -15.77 18.67
CA CYS B 115 -7.42 -17.10 18.38
C CYS B 115 -6.19 -16.89 17.50
N SER B 116 -4.99 -17.13 18.02
CA SER B 116 -3.81 -16.99 17.18
C SER B 116 -3.43 -18.35 16.64
N VAL B 117 -3.21 -18.41 15.34
CA VAL B 117 -2.84 -19.63 14.66
C VAL B 117 -1.48 -19.31 14.04
N SER B 118 -0.42 -19.98 14.45
CA SER B 118 0.87 -19.64 13.89
C SER B 118 1.81 -20.77 13.54
N GLY B 119 2.77 -20.49 12.69
CA GLY B 119 3.76 -21.48 12.35
C GLY B 119 3.37 -22.47 11.28
N PHE B 120 2.26 -22.30 10.62
CA PHE B 120 1.88 -23.29 9.62
C PHE B 120 2.41 -23.01 8.25
N TYR B 121 2.18 -23.97 7.38
CA TYR B 121 2.54 -23.91 5.98
C TYR B 121 1.79 -25.16 5.46
N PRO B 122 1.04 -25.03 4.33
CA PRO B 122 0.70 -23.95 3.39
C PRO B 122 -0.14 -22.83 3.98
N GLY B 123 -0.32 -21.73 3.25
CA GLY B 123 -1.11 -20.60 3.74
C GLY B 123 -2.59 -20.84 3.92
N SER B 124 -3.11 -21.86 3.25
CA SER B 124 -4.53 -22.24 3.30
C SER B 124 -4.88 -22.89 4.60
N ILE B 125 -5.82 -22.28 5.31
CA ILE B 125 -6.30 -22.74 6.62
C ILE B 125 -7.76 -22.20 6.81
N GLU B 126 -8.51 -22.71 7.80
CA GLU B 126 -9.89 -22.22 8.08
C GLU B 126 -10.09 -22.13 9.57
N VAL B 127 -10.43 -20.96 10.08
CA VAL B 127 -10.63 -20.76 11.53
C VAL B 127 -12.10 -20.36 11.77
N ARG B 128 -12.81 -21.10 12.62
CA ARG B 128 -14.20 -20.76 12.94
C ARG B 128 -14.33 -20.71 14.42
N TRP B 129 -15.22 -19.85 14.88
CA TRP B 129 -15.42 -19.71 16.32
C TRP B 129 -16.76 -20.32 16.66
N PHE B 130 -16.84 -20.87 17.87
CA PHE B 130 -18.06 -21.49 18.36
C PHE B 130 -18.34 -20.97 19.78
N ARG B 131 -19.61 -20.85 20.10
CA ARG B 131 -20.00 -20.37 21.43
C ARG B 131 -20.88 -21.48 22.01
N ASN B 132 -20.38 -22.19 23.03
CA ASN B 132 -21.14 -23.28 23.58
C ASN B 132 -21.55 -24.16 22.39
N GLY B 133 -20.61 -24.52 21.53
CA GLY B 133 -20.98 -25.40 20.43
C GLY B 133 -21.66 -24.84 19.18
N GLN B 134 -22.23 -23.65 19.25
CA GLN B 134 -22.86 -23.12 18.07
C GLN B 134 -21.93 -22.13 17.39
N GLU B 135 -21.69 -22.36 16.09
CA GLU B 135 -20.81 -21.49 15.30
C GLU B 135 -21.22 -20.04 15.35
N GLU B 136 -20.24 -19.18 15.63
CA GLU B 136 -20.43 -17.75 15.72
C GLU B 136 -19.78 -17.12 14.51
N LYS B 137 -20.62 -16.74 13.56
CA LYS B 137 -20.17 -16.13 12.34
C LYS B 137 -20.06 -14.60 12.43
N ALA B 138 -20.71 -13.99 13.43
CA ALA B 138 -20.66 -12.55 13.50
C ALA B 138 -19.71 -11.99 14.51
N GLY B 139 -19.25 -10.77 14.26
CA GLY B 139 -18.32 -10.10 15.14
C GLY B 139 -16.93 -10.68 15.10
N VAL B 140 -16.67 -11.36 14.00
CA VAL B 140 -15.42 -12.02 13.76
C VAL B 140 -14.50 -11.10 13.01
N VAL B 141 -13.46 -10.61 13.67
CA VAL B 141 -12.50 -9.66 13.07
C VAL B 141 -11.13 -10.29 12.78
N SER B 142 -10.84 -10.50 11.51
CA SER B 142 -9.58 -11.15 11.18
C SER B 142 -8.47 -10.31 10.62
N THR B 143 -7.24 -10.73 10.86
CA THR B 143 -6.07 -10.02 10.37
C THR B 143 -5.72 -10.53 9.00
N GLY B 144 -6.45 -11.54 8.55
CA GLY B 144 -6.15 -12.13 7.27
C GLY B 144 -4.84 -12.87 7.42
N LEU B 145 -4.43 -13.56 6.35
CA LEU B 145 -3.22 -14.34 6.34
C LEU B 145 -1.99 -13.47 6.41
N ILE B 146 -0.97 -13.86 7.17
CA ILE B 146 0.27 -13.08 7.30
C ILE B 146 1.42 -13.99 6.96
N GLN B 147 2.28 -13.65 6.02
CA GLN B 147 3.40 -14.51 5.65
C GLN B 147 4.60 -14.03 6.46
N ASN B 148 5.26 -14.94 7.20
CA ASN B 148 6.39 -14.62 8.04
C ASN B 148 7.72 -14.57 7.37
N GLY B 149 7.74 -14.91 6.10
CA GLY B 149 8.94 -14.86 5.26
C GLY B 149 10.00 -15.93 5.48
N ASP B 150 9.67 -16.88 6.35
CA ASP B 150 10.57 -17.97 6.71
C ASP B 150 9.90 -19.30 6.39
N TRP B 151 8.92 -19.27 5.52
CA TRP B 151 8.18 -20.41 5.06
C TRP B 151 7.12 -20.90 6.05
N THR B 152 6.51 -19.95 6.75
CA THR B 152 5.44 -20.24 7.71
C THR B 152 4.51 -19.03 7.72
N PHE B 153 3.24 -19.26 7.97
CA PHE B 153 2.25 -18.22 8.02
C PHE B 153 1.74 -18.01 9.45
N GLN B 154 0.86 -17.03 9.64
CA GLN B 154 0.25 -16.81 10.92
C GLN B 154 -0.91 -15.96 10.63
N THR B 155 -1.88 -15.98 11.53
CA THR B 155 -3.05 -15.12 11.41
C THR B 155 -3.76 -15.00 12.77
N LEU B 156 -4.56 -13.97 12.98
CA LEU B 156 -5.31 -13.86 14.22
C LEU B 156 -6.72 -13.61 13.83
N VAL B 157 -7.60 -14.37 14.45
CA VAL B 157 -9.05 -14.29 14.20
C VAL B 157 -9.76 -14.03 15.54
N MET B 158 -10.31 -12.81 15.71
CA MET B 158 -10.98 -12.38 16.97
C MET B 158 -12.47 -12.34 16.99
N LEU B 159 -13.01 -12.73 18.13
CA LEU B 159 -14.44 -12.80 18.32
C LEU B 159 -14.77 -11.82 19.37
N GLU B 160 -15.76 -10.99 19.11
CA GLU B 160 -16.22 -10.00 20.08
C GLU B 160 -17.29 -10.66 20.91
N THR B 161 -17.10 -10.75 22.23
CA THR B 161 -18.10 -11.34 23.08
C THR B 161 -18.42 -10.46 24.26
N VAL B 162 -19.35 -10.97 25.07
CA VAL B 162 -19.79 -10.38 26.34
C VAL B 162 -20.05 -11.65 27.07
N PRO B 163 -19.00 -12.23 27.62
CA PRO B 163 -19.04 -13.48 28.36
C PRO B 163 -19.82 -13.62 29.66
N ARG B 164 -20.76 -14.56 29.65
CA ARG B 164 -21.57 -14.85 30.79
C ARG B 164 -20.91 -16.11 31.35
N SER B 165 -21.17 -16.41 32.63
CA SER B 165 -20.65 -17.60 33.33
C SER B 165 -21.04 -18.95 32.70
N GLY B 166 -20.03 -19.73 32.33
CA GLY B 166 -20.31 -21.01 31.70
C GLY B 166 -20.22 -20.98 30.18
N GLU B 167 -20.11 -19.79 29.60
CA GLU B 167 -19.99 -19.73 28.16
C GLU B 167 -18.66 -20.36 27.78
N VAL B 168 -18.73 -21.30 26.86
CA VAL B 168 -17.52 -21.95 26.42
C VAL B 168 -17.20 -21.70 24.95
N TYR B 169 -16.08 -21.04 24.74
CA TYR B 169 -15.61 -20.67 23.43
C TYR B 169 -14.54 -21.59 22.81
N THR B 170 -14.81 -22.00 21.57
CA THR B 170 -13.92 -22.91 20.84
C THR B 170 -13.45 -22.27 19.55
N CYS B 171 -12.18 -22.55 19.22
CA CYS B 171 -11.58 -22.09 17.97
C CYS B 171 -11.25 -23.38 17.24
N GLN B 172 -11.81 -23.54 16.06
CA GLN B 172 -11.57 -24.72 15.30
C GLN B 172 -10.75 -24.37 14.09
N VAL B 173 -9.58 -24.98 13.98
CA VAL B 173 -8.67 -24.75 12.88
C VAL B 173 -8.59 -26.01 11.99
N GLU B 174 -8.61 -25.78 10.69
CA GLU B 174 -8.52 -26.84 9.74
C GLU B 174 -7.36 -26.47 8.87
N HIS B 175 -6.51 -27.45 8.57
CA HIS B 175 -5.35 -27.20 7.73
C HIS B 175 -4.97 -28.51 7.11
N PRO B 176 -4.36 -28.48 5.87
CA PRO B 176 -3.91 -29.66 5.13
C PRO B 176 -2.87 -30.51 5.91
N SER B 177 -2.20 -29.86 6.87
CA SER B 177 -1.21 -30.50 7.71
C SER B 177 -1.82 -31.41 8.78
N VAL B 178 -3.14 -31.39 8.94
CA VAL B 178 -3.85 -32.15 10.00
C VAL B 178 -5.08 -32.90 9.43
N THR B 179 -5.40 -34.08 9.99
CA THR B 179 -6.57 -34.90 9.55
C THR B 179 -7.90 -34.40 10.13
N SER B 180 -8.01 -34.33 11.46
CA SER B 180 -9.21 -33.79 12.13
C SER B 180 -8.82 -32.45 12.76
N PRO B 181 -9.66 -31.44 12.57
CA PRO B 181 -9.57 -30.07 13.03
C PRO B 181 -9.03 -29.89 14.39
N LEU B 182 -8.25 -28.84 14.57
CA LEU B 182 -7.68 -28.56 15.86
C LEU B 182 -8.74 -27.69 16.48
N THR B 183 -8.95 -27.81 17.78
CA THR B 183 -9.90 -26.98 18.44
C THR B 183 -9.21 -26.53 19.69
N VAL B 184 -9.73 -25.50 20.33
CA VAL B 184 -9.17 -25.02 21.56
C VAL B 184 -10.20 -24.13 22.25
N GLU B 185 -10.70 -24.63 23.37
CA GLU B 185 -11.74 -23.96 24.12
C GLU B 185 -11.24 -22.92 25.14
N TRP B 186 -12.17 -22.13 25.65
CA TRP B 186 -11.90 -21.09 26.65
C TRP B 186 -13.19 -20.95 27.43
N ARG B 187 -13.06 -21.04 28.74
CA ARG B 187 -14.15 -20.99 29.71
C ARG B 187 -14.40 -19.56 30.14
N ALA B 188 -15.63 -19.20 30.47
CA ALA B 188 -15.88 -17.83 30.96
C ALA B 188 -15.55 -17.87 32.44
N PRO C 1 18.75 -32.87 -8.19
CA PRO C 1 18.40 -32.11 -9.40
C PRO C 1 18.86 -30.68 -9.44
N LYS C 2 18.86 -30.13 -10.62
CA LYS C 2 19.28 -28.75 -10.69
C LYS C 2 18.21 -27.75 -11.13
N TYR C 3 18.32 -26.53 -10.65
CA TYR C 3 17.37 -25.50 -11.02
C TYR C 3 17.81 -24.97 -12.37
N VAL C 4 16.86 -24.92 -13.31
CA VAL C 4 17.10 -24.40 -14.62
C VAL C 4 16.66 -22.91 -14.65
N LYS C 5 17.62 -22.03 -14.89
CA LYS C 5 17.40 -20.58 -14.96
C LYS C 5 17.02 -20.23 -16.40
N GLN C 6 16.49 -19.02 -16.65
CA GLN C 6 16.10 -18.68 -18.01
C GLN C 6 16.90 -17.45 -18.28
N ASN C 7 17.47 -17.40 -19.49
CA ASN C 7 18.34 -16.30 -19.86
C ASN C 7 17.73 -14.99 -20.35
N THR C 8 18.44 -13.92 -20.07
CA THR C 8 17.97 -12.61 -20.44
C THR C 8 18.44 -12.21 -21.82
N LEU C 9 17.47 -11.80 -22.60
CA LEU C 9 17.68 -11.30 -23.95
C LEU C 9 18.23 -9.85 -23.89
N LYS C 10 19.14 -9.51 -24.80
CA LYS C 10 19.63 -8.14 -24.86
C LYS C 10 18.59 -7.29 -25.59
N LEU C 11 18.45 -6.06 -25.13
CA LEU C 11 17.45 -5.21 -25.73
C LEU C 11 17.82 -4.88 -27.16
N ALA C 12 16.89 -4.22 -27.85
CA ALA C 12 17.09 -3.77 -29.20
C ALA C 12 17.92 -2.52 -29.10
N THR C 13 18.87 -2.35 -30.02
CA THR C 13 19.73 -1.17 -30.04
C THR C 13 19.29 -0.29 -31.24
N GLU D 1 7.98 19.99 -5.89
CA GLU D 1 6.96 21.03 -6.18
C GLU D 1 6.32 21.53 -4.89
N GLU D 2 5.18 22.19 -5.00
CA GLU D 2 4.56 22.75 -3.82
C GLU D 2 3.12 22.46 -3.63
N HIS D 3 2.35 22.39 -4.71
CA HIS D 3 0.92 22.12 -4.62
C HIS D 3 0.50 21.49 -5.89
N VAL D 4 -0.58 20.74 -5.90
CA VAL D 4 -1.08 20.14 -7.12
C VAL D 4 -2.59 20.31 -7.09
N ILE D 5 -3.18 20.75 -8.19
CA ILE D 5 -4.59 20.93 -8.27
C ILE D 5 -4.91 19.91 -9.33
N ILE D 6 -5.97 19.10 -9.14
CA ILE D 6 -6.29 18.05 -10.09
C ILE D 6 -7.78 18.00 -10.35
N GLN D 7 -8.16 17.77 -11.60
CA GLN D 7 -9.55 17.70 -11.97
C GLN D 7 -9.54 16.25 -12.36
N ALA D 8 -10.23 15.45 -11.60
CA ALA D 8 -10.23 14.06 -11.87
C ALA D 8 -11.64 13.77 -12.16
N GLU D 9 -11.92 13.01 -13.21
CA GLU D 9 -13.27 12.63 -13.56
C GLU D 9 -13.16 11.26 -14.15
N PHE D 10 -14.22 10.45 -14.03
CA PHE D 10 -14.23 9.08 -14.56
C PHE D 10 -15.61 8.64 -14.88
N TYR D 11 -15.71 7.62 -15.73
CA TYR D 11 -17.01 7.02 -16.04
C TYR D 11 -16.76 5.50 -15.95
N LEU D 12 -17.68 4.79 -15.30
CA LEU D 12 -17.56 3.38 -15.08
C LEU D 12 -18.80 2.72 -15.56
N ASN D 13 -18.60 1.62 -16.29
CA ASN D 13 -19.66 0.71 -16.85
C ASN D 13 -19.31 -0.72 -16.34
N PRO D 14 -20.32 -1.60 -16.20
CA PRO D 14 -21.76 -1.46 -16.46
C PRO D 14 -22.52 -0.41 -15.60
N ASP D 15 -22.08 -0.21 -14.38
CA ASP D 15 -22.72 0.74 -13.51
C ASP D 15 -23.22 2.04 -14.18
N GLN D 16 -22.51 2.53 -15.21
CA GLN D 16 -22.86 3.81 -15.86
C GLN D 16 -22.79 4.92 -14.81
N SER D 17 -21.68 4.96 -14.07
CA SER D 17 -21.49 5.94 -13.04
C SER D 17 -20.23 6.75 -13.26
N GLY D 18 -20.35 8.04 -13.02
CA GLY D 18 -19.21 8.90 -13.22
C GLY D 18 -19.06 9.86 -12.09
N GLU D 19 -17.95 10.58 -12.07
CA GLU D 19 -17.68 11.55 -11.02
C GLU D 19 -16.81 12.60 -11.66
N PHE D 20 -16.88 13.81 -11.13
CA PHE D 20 -16.09 14.91 -11.63
C PHE D 20 -15.82 15.67 -10.38
N MET D 21 -14.54 16.00 -10.10
CA MET D 21 -14.16 16.75 -8.88
C MET D 21 -12.86 17.45 -9.07
N PHE D 22 -12.54 18.31 -8.11
CA PHE D 22 -11.26 19.00 -8.10
C PHE D 22 -10.64 18.61 -6.78
N ASP D 23 -9.32 18.53 -6.77
CA ASP D 23 -8.58 18.12 -5.59
C ASP D 23 -7.38 19.08 -5.47
N PHE D 24 -7.03 19.49 -4.26
CA PHE D 24 -5.88 20.36 -4.06
C PHE D 24 -5.11 19.63 -3.01
N ASP D 25 -3.89 19.25 -3.35
CA ASP D 25 -2.97 18.59 -2.42
C ASP D 25 -3.58 17.43 -1.66
N GLY D 26 -4.35 16.61 -2.33
CA GLY D 26 -4.90 15.49 -1.64
C GLY D 26 -6.26 15.68 -1.06
N ASP D 27 -6.68 16.89 -0.76
CA ASP D 27 -8.03 17.07 -0.19
C ASP D 27 -9.02 17.48 -1.29
N GLU D 28 -10.27 17.05 -1.23
CA GLU D 28 -11.28 17.45 -2.23
C GLU D 28 -11.75 18.90 -2.12
N ILE D 29 -11.72 19.68 -3.21
CA ILE D 29 -12.16 21.10 -3.15
C ILE D 29 -13.68 21.14 -3.33
N PHE D 30 -14.19 20.38 -4.31
CA PHE D 30 -15.63 20.22 -4.60
C PHE D 30 -15.83 19.10 -5.58
N HIS D 31 -17.06 18.74 -5.91
CA HIS D 31 -17.33 17.71 -6.95
C HIS D 31 -18.77 18.01 -7.38
N VAL D 32 -19.12 17.68 -8.62
CA VAL D 32 -20.43 17.97 -9.21
C VAL D 32 -21.43 16.85 -9.07
N ASP D 33 -22.55 17.12 -8.40
CA ASP D 33 -23.59 16.11 -8.19
C ASP D 33 -24.26 15.86 -9.53
N MET D 34 -23.96 14.71 -10.12
CA MET D 34 -24.49 14.34 -11.42
C MET D 34 -26.04 14.37 -11.46
N ALA D 35 -26.63 13.93 -10.35
CA ALA D 35 -28.07 13.87 -10.22
C ALA D 35 -28.69 15.24 -10.08
N LYS D 36 -28.44 15.93 -8.98
CA LYS D 36 -29.02 17.25 -8.78
C LYS D 36 -28.40 18.22 -9.75
N LYS D 37 -27.29 17.85 -10.35
CA LYS D 37 -26.62 18.76 -11.26
C LYS D 37 -26.25 20.04 -10.52
N GLU D 38 -25.44 19.92 -9.48
CA GLU D 38 -25.06 21.09 -8.74
C GLU D 38 -23.72 20.80 -8.16
N THR D 39 -22.85 21.81 -8.05
CA THR D 39 -21.54 21.56 -7.46
C THR D 39 -21.62 21.58 -5.93
N VAL D 40 -20.99 20.59 -5.31
CA VAL D 40 -21.01 20.45 -3.89
C VAL D 40 -19.61 20.72 -3.32
N TRP D 41 -19.43 21.84 -2.64
CA TRP D 41 -18.14 22.22 -2.05
C TRP D 41 -17.83 21.24 -0.90
N ARG D 42 -16.56 21.01 -0.58
CA ARG D 42 -16.20 20.06 0.49
C ARG D 42 -16.42 20.65 1.90
N LEU D 43 -16.11 21.92 2.04
CA LEU D 43 -16.34 22.67 3.27
C LEU D 43 -17.19 23.87 2.76
N GLU D 44 -18.41 24.01 3.27
CA GLU D 44 -19.33 25.09 2.87
C GLU D 44 -18.64 26.40 2.57
N GLU D 45 -17.67 26.73 3.41
CA GLU D 45 -16.87 27.94 3.32
C GLU D 45 -16.25 28.20 1.93
N PHE D 46 -15.89 27.12 1.26
CA PHE D 46 -15.31 27.20 -0.07
C PHE D 46 -16.31 27.87 -1.05
N GLY D 47 -17.58 27.53 -0.93
CA GLY D 47 -18.63 28.05 -1.81
C GLY D 47 -18.86 29.52 -1.63
N ARG D 48 -18.37 30.03 -0.53
CA ARG D 48 -18.56 31.41 -0.26
C ARG D 48 -17.45 32.21 -0.88
N PHE D 49 -16.48 31.57 -1.48
CA PHE D 49 -15.41 32.35 -2.08
C PHE D 49 -15.23 32.10 -3.57
N ALA D 50 -15.77 31.00 -4.10
CA ALA D 50 -15.58 30.68 -5.49
C ALA D 50 -16.78 29.98 -6.05
N SER D 51 -16.81 29.81 -7.36
CA SER D 51 -17.93 29.13 -7.99
C SER D 51 -17.44 28.21 -9.09
N PHE D 52 -18.32 27.32 -9.56
CA PHE D 52 -18.01 26.40 -10.64
C PHE D 52 -19.35 26.07 -11.20
N GLU D 53 -19.46 26.03 -12.52
CA GLU D 53 -20.70 25.69 -13.17
C GLU D 53 -20.95 24.19 -13.31
N ALA D 54 -21.69 23.59 -12.40
CA ALA D 54 -21.99 22.13 -12.48
C ALA D 54 -22.32 21.56 -13.86
N GLN D 55 -22.84 22.35 -14.77
CA GLN D 55 -23.16 21.80 -16.08
C GLN D 55 -21.85 21.46 -16.84
N GLY D 56 -20.82 22.25 -16.54
CA GLY D 56 -19.52 22.06 -17.15
C GLY D 56 -19.19 20.60 -17.00
N ALA D 57 -19.31 20.09 -15.78
CA ALA D 57 -19.02 18.71 -15.52
C ALA D 57 -19.90 17.73 -16.26
N LEU D 58 -21.21 17.95 -16.24
CA LEU D 58 -22.13 17.01 -16.90
C LEU D 58 -21.79 16.85 -18.38
N ALA D 59 -21.28 17.94 -18.95
CA ALA D 59 -20.86 17.99 -20.35
C ALA D 59 -19.69 17.01 -20.48
N ASN D 60 -18.61 17.29 -19.74
CA ASN D 60 -17.41 16.48 -19.75
C ASN D 60 -17.69 15.00 -19.63
N ILE D 61 -18.62 14.66 -18.77
CA ILE D 61 -18.88 13.26 -18.54
C ILE D 61 -19.51 12.62 -19.73
N ALA D 62 -20.26 13.43 -20.45
CA ALA D 62 -20.94 12.93 -21.64
C ALA D 62 -19.89 12.29 -22.55
N VAL D 63 -18.79 13.01 -22.77
CA VAL D 63 -17.71 12.55 -23.64
C VAL D 63 -17.04 11.30 -23.05
N ASP D 64 -16.91 11.28 -21.71
CA ASP D 64 -16.27 10.16 -21.00
C ASP D 64 -17.06 8.87 -21.16
N LYS D 65 -18.37 8.99 -21.22
CA LYS D 65 -19.21 7.81 -21.36
C LYS D 65 -18.82 7.23 -22.67
N ALA D 66 -18.70 8.15 -23.63
CA ALA D 66 -18.35 7.87 -24.99
C ALA D 66 -16.96 7.26 -25.14
N ASN D 67 -15.93 8.04 -24.79
CA ASN D 67 -14.57 7.56 -24.92
C ASN D 67 -14.42 6.20 -24.27
N LEU D 68 -15.24 5.94 -23.26
CA LEU D 68 -15.13 4.68 -22.62
C LEU D 68 -15.65 3.58 -23.51
N GLU D 69 -16.82 3.74 -24.10
CA GLU D 69 -17.38 2.70 -24.98
C GLU D 69 -16.39 2.49 -26.10
N ILE D 70 -15.73 3.56 -26.52
CA ILE D 70 -14.72 3.45 -27.55
C ILE D 70 -13.65 2.56 -27.00
N MET D 71 -12.82 3.10 -26.10
CA MET D 71 -11.69 2.38 -25.51
C MET D 71 -11.87 0.94 -25.09
N THR D 72 -13.08 0.59 -24.67
CA THR D 72 -13.36 -0.76 -24.23
C THR D 72 -13.16 -1.66 -25.43
N LYS D 73 -13.89 -1.38 -26.51
CA LYS D 73 -13.78 -2.17 -27.74
C LYS D 73 -12.32 -2.27 -28.21
N ARG D 74 -11.61 -1.15 -28.32
CA ARG D 74 -10.23 -1.24 -28.77
C ARG D 74 -9.25 -2.03 -27.85
N SER D 75 -9.57 -2.08 -26.56
CA SER D 75 -8.78 -2.84 -25.60
C SER D 75 -9.00 -4.32 -25.89
N ASN D 76 -10.14 -4.62 -26.53
CA ASN D 76 -10.59 -5.97 -26.91
C ASN D 76 -11.44 -6.53 -25.75
N TYR D 77 -12.14 -5.60 -25.08
CA TYR D 77 -13.03 -5.86 -23.95
C TYR D 77 -12.33 -6.25 -22.69
N THR D 78 -11.04 -5.94 -22.55
CA THR D 78 -10.30 -6.32 -21.34
C THR D 78 -10.96 -5.63 -20.13
N PRO D 79 -11.31 -6.41 -19.08
CA PRO D 79 -11.95 -5.81 -17.92
C PRO D 79 -10.92 -5.39 -16.90
N ILE D 80 -11.37 -4.69 -15.85
CA ILE D 80 -10.46 -4.20 -14.81
C ILE D 80 -10.16 -5.30 -13.83
N THR D 81 -8.98 -5.25 -13.20
CA THR D 81 -8.58 -6.24 -12.23
C THR D 81 -8.85 -5.68 -10.85
N ASN D 82 -9.72 -6.34 -10.09
CA ASN D 82 -10.01 -5.91 -8.73
C ASN D 82 -8.83 -5.78 -7.77
N VAL D 83 -8.67 -4.60 -7.21
CA VAL D 83 -7.63 -4.35 -6.26
C VAL D 83 -8.43 -4.05 -5.04
N PRO D 84 -8.35 -4.91 -4.02
CA PRO D 84 -9.09 -4.73 -2.78
C PRO D 84 -8.50 -3.58 -1.97
N PRO D 85 -9.33 -2.93 -1.11
CA PRO D 85 -9.04 -1.80 -0.23
C PRO D 85 -8.10 -2.12 0.88
N GLU D 86 -7.63 -1.06 1.56
CA GLU D 86 -6.67 -1.12 2.67
C GLU D 86 -7.31 -0.24 3.75
N VAL D 87 -8.26 -0.83 4.45
CA VAL D 87 -9.00 -0.16 5.49
C VAL D 87 -8.30 0.07 6.84
N THR D 88 -8.51 1.24 7.44
CA THR D 88 -7.96 1.57 8.76
C THR D 88 -8.84 2.59 9.45
N VAL D 89 -9.35 2.21 10.64
CA VAL D 89 -10.23 3.02 11.48
C VAL D 89 -9.39 3.81 12.38
N LEU D 90 -9.65 5.10 12.33
CA LEU D 90 -8.92 6.12 13.02
C LEU D 90 -9.85 6.96 13.90
N THR D 91 -9.31 7.95 14.56
CA THR D 91 -10.12 8.77 15.40
C THR D 91 -9.65 10.18 15.19
N ASN D 92 -10.57 11.14 15.14
CA ASN D 92 -10.26 12.53 14.87
C ASN D 92 -9.34 13.25 15.81
N SER D 93 -9.40 12.88 17.07
CA SER D 93 -8.60 13.53 18.07
C SER D 93 -8.60 12.58 19.26
N PRO D 94 -7.59 12.68 20.13
CA PRO D 94 -7.49 11.81 21.32
C PRO D 94 -8.85 11.64 22.02
N VAL D 95 -9.31 10.39 22.18
CA VAL D 95 -10.60 10.16 22.83
C VAL D 95 -10.59 10.34 24.34
N GLU D 96 -11.56 11.10 24.79
CA GLU D 96 -11.77 11.35 26.19
C GLU D 96 -13.15 10.78 26.38
N LEU D 97 -13.34 10.08 27.51
CA LEU D 97 -14.60 9.45 27.81
C LEU D 97 -15.71 10.46 27.93
N ARG D 98 -16.87 10.15 27.38
CA ARG D 98 -18.01 11.05 27.46
C ARG D 98 -17.96 12.40 26.76
N GLU D 99 -16.88 12.64 25.99
CA GLU D 99 -16.71 13.87 25.19
C GLU D 99 -16.71 13.54 23.72
N PRO D 100 -17.70 14.01 22.95
CA PRO D 100 -17.88 13.78 21.50
C PRO D 100 -16.57 13.77 20.77
N ASN D 101 -16.49 12.89 19.76
CA ASN D 101 -15.31 12.66 18.85
C ASN D 101 -15.90 12.12 17.56
N VAL D 102 -15.08 11.74 16.59
CA VAL D 102 -15.61 11.21 15.31
C VAL D 102 -14.71 10.09 14.91
N LEU D 103 -15.26 8.99 14.42
CA LEU D 103 -14.48 7.84 13.98
C LEU D 103 -14.40 7.89 12.43
N ILE D 104 -13.17 7.85 11.92
CA ILE D 104 -12.92 7.93 10.48
C ILE D 104 -12.60 6.54 9.88
N CYS D 105 -13.31 6.16 8.84
CA CYS D 105 -13.00 4.89 8.21
C CYS D 105 -12.23 5.17 6.94
N PHE D 106 -10.92 4.93 6.92
CA PHE D 106 -10.15 5.23 5.73
C PHE D 106 -9.93 4.06 4.83
N ILE D 107 -10.52 4.12 3.66
CA ILE D 107 -10.41 3.08 2.61
C ILE D 107 -9.46 3.63 1.50
N ASP D 108 -8.36 2.92 1.20
CA ASP D 108 -7.30 3.39 0.26
C ASP D 108 -6.98 2.35 -0.81
N LYS D 109 -6.03 2.69 -1.66
CA LYS D 109 -5.52 1.80 -2.73
C LYS D 109 -6.41 0.80 -3.42
N PHE D 110 -7.69 1.11 -3.64
CA PHE D 110 -8.54 0.14 -4.33
C PHE D 110 -9.05 0.58 -5.72
N THR D 111 -9.52 -0.37 -6.52
CA THR D 111 -10.13 -0.09 -7.83
C THR D 111 -10.78 -1.40 -8.27
N PRO D 112 -11.90 -1.34 -8.97
CA PRO D 112 -12.75 -0.25 -9.43
C PRO D 112 -13.42 0.62 -8.33
N PRO D 113 -13.80 1.86 -8.64
CA PRO D 113 -14.43 2.68 -7.62
C PRO D 113 -15.83 2.28 -7.19
N VAL D 114 -15.97 1.13 -6.55
CA VAL D 114 -17.28 0.67 -6.06
C VAL D 114 -16.98 -0.06 -4.72
N VAL D 115 -17.68 0.30 -3.65
CA VAL D 115 -17.35 -0.26 -2.33
C VAL D 115 -18.54 0.02 -1.39
N ASN D 116 -18.85 -0.91 -0.46
CA ASN D 116 -19.97 -0.77 0.53
C ASN D 116 -19.41 -0.70 1.94
N VAL D 117 -19.54 0.44 2.56
CA VAL D 117 -19.04 0.67 3.89
C VAL D 117 -20.20 0.85 4.85
N THR D 118 -20.16 0.04 5.91
CA THR D 118 -21.17 0.04 6.97
C THR D 118 -20.52 0.32 8.29
N TRP D 119 -21.19 1.06 9.14
CA TRP D 119 -20.63 1.27 10.45
C TRP D 119 -21.47 0.39 11.38
N LEU D 120 -20.85 -0.15 12.39
CA LEU D 120 -21.57 -1.03 13.29
C LEU D 120 -21.18 -0.68 14.70
N ARG D 121 -22.17 -0.48 15.57
CA ARG D 121 -21.91 -0.19 16.98
C ARG D 121 -22.49 -1.38 17.68
N ASN D 122 -21.66 -2.10 18.42
CA ASN D 122 -22.03 -3.33 19.10
C ASN D 122 -22.64 -4.40 18.18
N GLY D 123 -22.10 -4.53 16.98
CA GLY D 123 -22.57 -5.52 16.05
C GLY D 123 -23.69 -5.03 15.18
N LYS D 124 -24.29 -3.91 15.55
CA LYS D 124 -25.46 -3.32 14.83
C LYS D 124 -25.12 -2.07 14.05
N PRO D 125 -25.67 -1.95 12.84
CA PRO D 125 -25.50 -0.86 11.90
C PRO D 125 -25.91 0.46 12.53
N VAL D 126 -25.23 1.52 12.11
CA VAL D 126 -25.46 2.85 12.63
C VAL D 126 -25.47 3.87 11.49
N THR D 127 -26.44 4.78 11.53
CA THR D 127 -26.54 5.81 10.51
C THR D 127 -26.51 7.18 11.20
N THR D 128 -26.43 7.14 12.49
CA THR D 128 -26.40 8.38 13.21
C THR D 128 -25.29 9.36 12.79
N GLY D 129 -25.69 10.33 11.97
CA GLY D 129 -24.78 11.39 11.53
C GLY D 129 -23.59 10.97 10.70
N VAL D 130 -23.66 9.72 10.28
CA VAL D 130 -22.61 9.15 9.48
C VAL D 130 -22.61 9.92 8.18
N SER D 131 -21.45 9.93 7.50
CA SER D 131 -21.26 10.58 6.19
C SER D 131 -20.02 10.08 5.43
N GLU D 132 -19.83 10.55 4.21
CA GLU D 132 -18.68 10.12 3.43
C GLU D 132 -18.14 11.13 2.42
N THR D 133 -17.17 10.71 1.63
CA THR D 133 -16.61 11.55 0.60
C THR D 133 -16.78 10.77 -0.70
N VAL D 134 -16.60 11.45 -1.83
CA VAL D 134 -16.68 10.80 -3.15
C VAL D 134 -15.35 10.06 -3.31
N PHE D 135 -15.15 9.34 -4.42
CA PHE D 135 -13.89 8.61 -4.63
C PHE D 135 -12.72 9.55 -4.99
N LEU D 136 -11.84 9.83 -4.03
CA LEU D 136 -10.71 10.70 -4.23
C LEU D 136 -9.71 9.96 -5.00
N PRO D 137 -9.01 10.62 -5.91
CA PRO D 137 -8.01 9.92 -6.73
C PRO D 137 -6.67 9.73 -6.12
N ARG D 138 -5.82 8.95 -6.80
CA ARG D 138 -4.46 8.75 -6.37
C ARG D 138 -3.57 8.57 -7.57
N GLU D 139 -2.31 8.97 -7.40
CA GLU D 139 -1.32 8.91 -8.47
C GLU D 139 -1.20 7.58 -9.11
N ASP D 140 -1.45 6.51 -8.38
CA ASP D 140 -1.34 5.19 -8.98
C ASP D 140 -2.57 4.74 -9.74
N HIS D 141 -3.51 5.63 -9.98
CA HIS D 141 -4.77 5.30 -10.67
C HIS D 141 -5.80 4.42 -9.94
N LEU D 142 -5.54 4.17 -8.65
CA LEU D 142 -6.43 3.48 -7.71
C LEU D 142 -7.20 4.64 -7.02
N PHE D 143 -8.08 4.35 -6.06
CA PHE D 143 -8.84 5.39 -5.43
C PHE D 143 -8.68 5.43 -3.93
N ARG D 144 -9.33 6.42 -3.32
CA ARG D 144 -9.27 6.67 -1.89
C ARG D 144 -10.65 7.14 -1.47
N LYS D 145 -11.05 6.96 -0.21
CA LYS D 145 -12.38 7.34 0.25
C LYS D 145 -12.48 7.34 1.75
N PHE D 146 -13.35 8.17 2.33
CA PHE D 146 -13.53 8.31 3.79
C PHE D 146 -15.01 8.21 4.27
N HIS D 147 -15.21 7.66 5.46
CA HIS D 147 -16.55 7.59 6.06
C HIS D 147 -16.36 8.06 7.44
N TYR D 148 -17.27 8.92 7.88
CA TYR D 148 -17.13 9.50 9.21
C TYR D 148 -18.38 9.19 10.08
N LEU D 149 -18.13 8.80 11.34
CA LEU D 149 -19.20 8.52 12.33
C LEU D 149 -18.97 9.37 13.58
N PRO D 150 -19.84 10.34 13.77
CA PRO D 150 -19.65 11.17 14.98
C PRO D 150 -20.11 10.28 16.10
N PHE D 151 -19.35 10.23 17.19
CA PHE D 151 -19.72 9.37 18.30
C PHE D 151 -19.32 10.05 19.61
N LEU D 152 -19.68 9.39 20.72
CA LEU D 152 -19.44 9.88 22.06
C LEU D 152 -18.89 8.70 22.77
N PRO D 153 -17.60 8.75 23.08
CA PRO D 153 -16.87 7.69 23.76
C PRO D 153 -17.30 7.27 25.16
N SER D 154 -17.31 5.97 25.39
CA SER D 154 -17.65 5.45 26.69
C SER D 154 -17.07 4.08 26.64
N THR D 155 -16.79 3.55 27.81
CA THR D 155 -16.21 2.24 27.99
C THR D 155 -17.15 1.08 27.56
N GLU D 156 -18.43 1.38 27.33
CA GLU D 156 -19.46 0.39 26.95
C GLU D 156 -19.45 -0.04 25.54
N ASP D 157 -19.03 0.83 24.64
CA ASP D 157 -19.11 0.45 23.26
C ASP D 157 -17.80 0.08 22.53
N VAL D 158 -18.03 -0.59 21.39
CA VAL D 158 -17.03 -1.05 20.44
C VAL D 158 -17.67 -0.86 19.05
N TYR D 159 -16.86 -0.54 18.06
CA TYR D 159 -17.38 -0.34 16.69
C TYR D 159 -16.65 -1.14 15.61
N ASP D 160 -17.17 -1.07 14.40
CA ASP D 160 -16.57 -1.76 13.24
C ASP D 160 -16.92 -0.99 12.01
N CYS D 161 -15.98 -0.90 11.07
CA CYS D 161 -16.28 -0.29 9.81
C CYS D 161 -16.28 -1.58 8.97
N ARG D 162 -17.43 -1.89 8.38
CA ARG D 162 -17.60 -3.08 7.57
C ARG D 162 -17.52 -2.77 6.10
N VAL D 163 -16.37 -3.11 5.48
CA VAL D 163 -16.11 -2.86 4.04
C VAL D 163 -16.27 -4.04 3.07
N GLU D 164 -17.12 -3.85 2.07
CA GLU D 164 -17.32 -4.87 1.06
C GLU D 164 -16.74 -4.33 -0.25
N HIS D 165 -15.90 -5.18 -0.87
CA HIS D 165 -15.27 -4.86 -2.17
C HIS D 165 -15.06 -6.13 -3.03
N TRP D 166 -15.22 -5.99 -4.34
CA TRP D 166 -15.07 -7.12 -5.26
C TRP D 166 -13.74 -7.87 -5.28
N GLY D 167 -12.66 -7.20 -4.86
CA GLY D 167 -11.37 -7.83 -4.84
C GLY D 167 -11.08 -8.41 -3.48
N LEU D 168 -12.12 -8.48 -2.66
CA LEU D 168 -12.03 -8.98 -1.29
C LEU D 168 -12.77 -10.34 -1.17
N ASP D 169 -12.16 -11.32 -0.49
CA ASP D 169 -12.76 -12.67 -0.31
C ASP D 169 -14.02 -12.61 0.51
N GLU D 170 -14.15 -11.52 1.28
CA GLU D 170 -15.31 -11.36 2.12
C GLU D 170 -15.22 -10.09 2.95
N PRO D 171 -16.39 -9.50 3.27
CA PRO D 171 -16.62 -8.28 4.07
C PRO D 171 -15.50 -8.06 5.09
N LEU D 172 -14.77 -6.94 4.97
CA LEU D 172 -13.67 -6.65 5.88
C LEU D 172 -14.19 -5.87 7.07
N LEU D 173 -13.83 -6.31 8.27
CA LEU D 173 -14.21 -5.62 9.49
C LEU D 173 -12.95 -5.03 10.02
N LYS D 174 -13.01 -3.75 10.36
CA LYS D 174 -11.91 -3.00 10.93
C LYS D 174 -12.52 -2.53 12.23
N HIS D 175 -11.92 -2.94 13.35
CA HIS D 175 -12.43 -2.70 14.73
C HIS D 175 -11.81 -1.54 15.54
N TRP D 176 -12.58 -0.95 16.46
CA TRP D 176 -12.17 0.19 17.34
C TRP D 176 -12.89 0.01 18.70
N GLU D 177 -12.23 0.41 19.76
CA GLU D 177 -12.83 0.35 21.09
C GLU D 177 -11.94 1.04 22.07
N PHE D 178 -12.50 1.95 22.86
CA PHE D 178 -11.73 2.73 23.84
C PHE D 178 -10.86 1.85 24.70
N ASP D 179 -9.70 2.35 25.07
CA ASP D 179 -8.77 1.57 25.90
C ASP D 179 -8.18 2.26 27.14
N ALA D 180 -8.23 1.58 28.28
CA ALA D 180 -7.68 2.18 29.49
C ALA D 180 -6.51 1.40 30.08
N THR E 1 -22.07 -10.78 -11.27
CA THR E 1 -21.87 -9.40 -11.71
C THR E 1 -20.79 -9.36 -12.84
N ARG E 2 -21.21 -8.83 -13.99
CA ARG E 2 -20.39 -8.66 -15.23
C ARG E 2 -18.96 -8.02 -15.12
N PRO E 3 -18.20 -7.93 -16.25
CA PRO E 3 -16.87 -7.31 -16.13
C PRO E 3 -17.01 -5.79 -16.00
N ARG E 4 -15.99 -5.12 -15.48
CA ARG E 4 -16.05 -3.66 -15.36
C ARG E 4 -15.08 -2.93 -16.30
N PHE E 5 -15.45 -1.72 -16.68
CA PHE E 5 -14.62 -0.94 -17.56
C PHE E 5 -14.53 0.48 -17.09
N LEU E 6 -13.30 0.89 -16.82
CA LEU E 6 -13.06 2.20 -16.29
C LEU E 6 -12.26 3.16 -17.17
N TRP E 7 -12.82 4.36 -17.40
CA TRP E 7 -12.17 5.39 -18.20
C TRP E 7 -12.00 6.48 -17.19
N GLN E 8 -10.84 7.09 -17.20
CA GLN E 8 -10.52 8.11 -16.23
C GLN E 8 -9.72 9.17 -16.97
N LEU E 9 -9.87 10.41 -16.54
CA LEU E 9 -9.19 11.53 -17.20
C LEU E 9 -8.74 12.54 -16.12
N LYS E 10 -7.48 12.94 -16.13
CA LYS E 10 -7.00 13.82 -15.11
C LYS E 10 -6.13 14.98 -15.65
N PHE E 11 -6.44 16.21 -15.28
CA PHE E 11 -5.59 17.30 -15.73
C PHE E 11 -5.02 17.73 -14.41
N GLU E 12 -3.71 17.61 -14.24
CA GLU E 12 -3.08 18.05 -13.04
C GLU E 12 -2.12 19.20 -13.23
N CYS E 13 -2.18 20.16 -12.34
CA CYS E 13 -1.31 21.32 -12.41
C CYS E 13 -0.44 21.26 -11.18
N HIS E 14 0.88 21.19 -11.40
CA HIS E 14 1.94 21.17 -10.34
C HIS E 14 2.60 22.55 -10.30
N PHE E 15 2.51 23.24 -9.17
CA PHE E 15 3.07 24.60 -9.04
C PHE E 15 4.33 24.58 -8.26
N PHE E 16 5.35 25.21 -8.80
CA PHE E 16 6.64 25.25 -8.16
C PHE E 16 6.88 26.69 -7.79
N ASN E 17 7.47 26.89 -6.61
CA ASN E 17 7.82 28.22 -6.11
C ASN E 17 6.63 29.19 -6.00
N GLY E 18 5.44 28.66 -5.88
CA GLY E 18 4.31 29.52 -5.77
C GLY E 18 3.78 29.38 -7.15
N THR E 19 3.87 30.45 -7.93
CA THR E 19 3.33 30.38 -9.29
C THR E 19 4.38 30.35 -10.45
N GLU E 20 5.56 30.91 -10.21
CA GLU E 20 6.64 30.84 -11.14
C GLU E 20 6.88 29.34 -11.26
N ARG E 21 6.49 28.81 -12.40
CA ARG E 21 6.70 27.42 -12.81
C ARG E 21 5.54 26.62 -12.41
N VAL E 22 4.86 26.13 -13.44
CA VAL E 22 3.64 25.35 -13.43
C VAL E 22 3.80 24.33 -14.56
N ARG E 23 3.24 23.14 -14.34
CA ARG E 23 3.28 22.06 -15.31
C ARG E 23 1.93 21.45 -15.47
N LEU E 24 1.35 21.48 -16.66
CA LEU E 24 0.05 20.85 -16.86
C LEU E 24 0.41 19.47 -17.37
N LEU E 25 -0.37 18.48 -16.98
CA LEU E 25 -0.10 17.14 -17.36
C LEU E 25 -1.49 16.55 -17.51
N GLU E 26 -1.87 16.17 -18.71
CA GLU E 26 -3.17 15.63 -18.93
C GLU E 26 -3.00 14.16 -19.19
N ARG E 27 -3.67 13.31 -18.40
CA ARG E 27 -3.58 11.86 -18.53
C ARG E 27 -4.94 11.24 -18.78
N CYS E 28 -4.98 10.27 -19.68
CA CYS E 28 -6.19 9.50 -20.01
C CYS E 28 -5.77 8.12 -19.54
N ILE E 29 -6.61 7.54 -18.67
CA ILE E 29 -6.34 6.24 -18.06
C ILE E 29 -7.46 5.28 -18.25
N TYR E 30 -7.19 4.18 -18.94
CA TYR E 30 -8.20 3.18 -19.18
C TYR E 30 -7.78 2.05 -18.26
N ASN E 31 -8.74 1.67 -17.39
CA ASN E 31 -8.65 0.65 -16.33
C ASN E 31 -7.58 1.05 -15.29
N GLN E 32 -6.34 0.62 -15.44
CA GLN E 32 -5.30 1.07 -14.52
C GLN E 32 -4.03 1.47 -15.30
N GLU E 33 -4.15 1.37 -16.63
CA GLU E 33 -3.09 1.66 -17.57
C GLU E 33 -3.34 3.01 -18.19
N GLU E 34 -2.35 3.90 -18.10
CA GLU E 34 -2.43 5.23 -18.71
C GLU E 34 -2.16 4.95 -20.18
N SER E 35 -2.92 5.54 -21.09
CA SER E 35 -2.72 5.27 -22.53
C SER E 35 -2.12 6.46 -23.36
N VAL E 36 -2.49 7.68 -22.95
CA VAL E 36 -2.04 8.91 -23.60
C VAL E 36 -1.97 10.10 -22.65
N ARG E 37 -1.11 11.06 -22.93
CA ARG E 37 -1.02 12.23 -22.06
C ARG E 37 -0.54 13.51 -22.75
N PHE E 38 -0.81 14.67 -22.18
CA PHE E 38 -0.32 15.92 -22.77
C PHE E 38 0.59 16.41 -21.67
N ASP E 39 1.88 16.66 -21.93
CA ASP E 39 2.77 17.17 -20.88
C ASP E 39 3.29 18.58 -21.29
N SER E 40 2.83 19.64 -20.64
CA SER E 40 3.20 21.01 -21.02
C SER E 40 4.66 21.29 -21.43
N ASP E 41 5.62 20.71 -20.73
CA ASP E 41 7.06 20.79 -21.02
C ASP E 41 7.50 19.98 -22.29
N VAL E 42 6.55 19.32 -22.94
CA VAL E 42 6.84 18.60 -24.18
C VAL E 42 5.84 19.09 -25.23
N GLY E 43 5.01 20.06 -24.88
CA GLY E 43 4.09 20.61 -25.86
C GLY E 43 3.13 19.71 -26.63
N GLU E 44 3.25 18.40 -26.66
CA GLU E 44 2.27 17.68 -27.46
C GLU E 44 1.90 16.36 -26.83
N TYR E 45 0.87 15.70 -27.37
CA TYR E 45 0.46 14.41 -26.84
C TYR E 45 1.47 13.36 -27.16
N ARG E 46 1.45 12.29 -26.38
CA ARG E 46 2.33 11.16 -26.56
C ARG E 46 1.59 9.94 -26.07
N ALA E 47 1.54 8.88 -26.86
CA ALA E 47 0.88 7.69 -26.40
C ALA E 47 1.89 7.08 -25.41
N VAL E 48 1.39 6.56 -24.29
CA VAL E 48 2.25 5.87 -23.34
C VAL E 48 2.15 4.39 -23.68
N THR E 49 0.96 3.93 -24.03
CA THR E 49 0.79 2.55 -24.43
C THR E 49 0.20 2.60 -25.83
N GLU E 50 0.23 1.49 -26.52
CA GLU E 50 -0.30 1.40 -27.87
C GLU E 50 -1.75 1.88 -28.07
N LEU E 51 -2.65 1.52 -27.19
CA LEU E 51 -4.03 1.95 -27.35
C LEU E 51 -4.14 3.49 -27.35
N GLY E 52 -3.12 4.20 -26.95
CA GLY E 52 -3.24 5.65 -26.94
C GLY E 52 -2.69 6.27 -28.19
N ARG E 53 -2.22 5.43 -29.11
CA ARG E 53 -1.64 5.86 -30.37
C ARG E 53 -2.54 6.66 -31.29
N PRO E 54 -3.73 6.11 -31.57
CA PRO E 54 -4.69 6.77 -32.43
C PRO E 54 -4.90 8.24 -32.06
N ASP E 55 -5.20 8.45 -30.78
CA ASP E 55 -5.47 9.78 -30.22
C ASP E 55 -4.26 10.66 -30.14
N ALA E 56 -3.16 10.16 -29.64
CA ALA E 56 -1.96 10.97 -29.57
C ALA E 56 -1.68 11.51 -30.98
N GLU E 57 -1.96 10.71 -32.01
CA GLU E 57 -1.74 11.15 -33.40
C GLU E 57 -2.92 11.99 -33.89
N TYR E 58 -4.13 11.60 -33.49
CA TYR E 58 -5.33 12.36 -33.88
C TYR E 58 -5.29 13.81 -33.34
N TRP E 59 -5.42 13.96 -32.03
CA TRP E 59 -5.42 15.27 -31.39
C TRP E 59 -4.18 16.05 -31.73
N ASN E 60 -3.06 15.35 -31.90
CA ASN E 60 -1.85 16.07 -32.21
C ASN E 60 -1.98 16.85 -33.54
N SER E 61 -2.92 16.41 -34.39
CA SER E 61 -3.19 17.03 -35.70
C SER E 61 -3.88 18.41 -35.66
N GLN E 62 -4.84 18.53 -34.74
CA GLN E 62 -5.70 19.72 -34.51
C GLN E 62 -4.86 20.83 -33.92
N LYS E 63 -4.13 21.56 -34.77
CA LYS E 63 -3.23 22.63 -34.30
C LYS E 63 -3.92 23.63 -33.42
N ASP E 64 -5.25 23.50 -33.34
CA ASP E 64 -6.05 24.33 -32.45
C ASP E 64 -6.12 23.72 -31.05
N LEU E 65 -6.31 22.40 -30.99
CA LEU E 65 -6.36 21.63 -29.73
C LEU E 65 -5.02 21.73 -29.06
N LEU E 66 -3.95 21.77 -29.85
CA LEU E 66 -2.60 21.87 -29.30
C LEU E 66 -2.26 23.33 -29.04
N GLU E 67 -2.98 24.23 -29.68
CA GLU E 67 -2.66 25.60 -29.46
C GLU E 67 -3.14 26.08 -28.10
N GLN E 68 -4.33 25.66 -27.73
CA GLN E 68 -4.93 25.97 -26.45
C GLN E 68 -4.22 25.25 -25.32
N ARG E 69 -4.15 23.93 -25.37
CA ARG E 69 -3.51 23.15 -24.29
C ARG E 69 -2.23 23.80 -23.80
N ARG E 70 -1.37 24.21 -24.71
CA ARG E 70 -0.14 24.88 -24.33
C ARG E 70 -0.33 26.16 -23.54
N ALA E 71 -1.48 26.82 -23.71
CA ALA E 71 -1.83 28.07 -22.98
C ALA E 71 -2.63 27.80 -21.70
N ALA E 72 -3.15 26.58 -21.54
CA ALA E 72 -3.95 26.15 -20.39
C ALA E 72 -3.19 26.38 -19.10
N VAL E 73 -1.89 26.59 -19.24
CA VAL E 73 -1.01 26.83 -18.10
C VAL E 73 -1.30 28.12 -17.42
N ASP E 74 -1.89 29.09 -18.12
CA ASP E 74 -2.26 30.32 -17.42
C ASP E 74 -3.74 30.47 -17.54
N THR E 75 -4.32 29.96 -18.60
CA THR E 75 -5.76 30.09 -18.75
C THR E 75 -6.53 29.17 -17.79
N TYR E 76 -5.87 28.05 -17.40
CA TYR E 76 -6.44 27.02 -16.53
C TYR E 76 -5.64 26.89 -15.23
N CYS E 77 -4.38 26.52 -15.30
CA CYS E 77 -3.57 26.39 -14.08
C CYS E 77 -3.39 27.62 -13.24
N ARG E 78 -2.58 28.58 -13.63
CA ARG E 78 -2.41 29.79 -12.82
C ARG E 78 -3.73 30.43 -12.41
N HIS E 79 -4.78 30.18 -13.20
CA HIS E 79 -6.09 30.69 -12.96
C HIS E 79 -6.68 30.09 -11.71
N ASN E 80 -7.09 28.83 -11.85
CA ASN E 80 -7.62 28.08 -10.76
C ASN E 80 -6.78 28.24 -9.48
N TYR E 81 -5.48 28.43 -9.60
CA TYR E 81 -4.62 28.64 -8.43
C TYR E 81 -4.98 29.96 -7.70
N GLY E 82 -5.16 31.03 -8.46
CA GLY E 82 -5.54 32.33 -7.91
C GLY E 82 -7.02 32.33 -7.51
N VAL E 83 -7.83 31.39 -8.01
CA VAL E 83 -9.23 31.37 -7.55
C VAL E 83 -9.42 30.93 -6.11
N GLY E 84 -8.78 29.83 -5.74
CA GLY E 84 -8.92 29.38 -4.38
C GLY E 84 -7.78 29.75 -3.44
N GLU E 85 -6.68 30.31 -3.93
CA GLU E 85 -5.55 30.61 -3.03
C GLU E 85 -5.91 31.05 -1.61
N SER E 86 -6.98 31.86 -1.49
CA SER E 86 -7.43 32.38 -0.18
C SER E 86 -7.73 31.27 0.82
N PHE E 87 -8.36 30.21 0.32
CA PHE E 87 -8.77 29.08 1.14
C PHE E 87 -8.00 27.76 0.99
N THR E 88 -7.24 27.64 -0.08
CA THR E 88 -6.52 26.42 -0.19
C THR E 88 -5.09 26.71 0.19
N VAL E 89 -4.29 27.23 -0.73
CA VAL E 89 -2.89 27.58 -0.50
C VAL E 89 -2.66 28.28 0.85
N GLN E 90 -3.48 29.29 1.17
CA GLN E 90 -3.40 30.10 2.42
C GLN E 90 -4.30 29.63 3.58
N ARG E 91 -4.73 28.37 3.55
CA ARG E 91 -5.56 27.84 4.63
C ARG E 91 -4.65 27.52 5.76
N ARG E 92 -5.09 27.94 6.94
CA ARG E 92 -4.40 27.75 8.19
C ARG E 92 -5.34 27.52 9.37
N VAL E 93 -5.40 26.29 9.83
CA VAL E 93 -6.21 25.96 10.94
C VAL E 93 -5.10 25.73 11.97
N GLU E 94 -5.37 25.86 13.25
CA GLU E 94 -4.29 25.71 14.21
C GLU E 94 -4.21 24.30 14.84
N PRO E 95 -2.98 23.82 15.13
CA PRO E 95 -2.84 22.49 15.72
C PRO E 95 -3.24 22.53 17.14
N LYS E 96 -3.90 21.45 17.55
CA LYS E 96 -4.33 21.28 18.92
C LYS E 96 -3.43 20.19 19.47
N VAL E 97 -2.44 20.58 20.29
CA VAL E 97 -1.42 19.73 20.97
C VAL E 97 -1.80 19.17 22.37
N THR E 98 -1.54 17.88 22.62
CA THR E 98 -1.84 17.24 23.91
C THR E 98 -0.67 16.29 24.26
N VAL E 99 -0.29 16.27 25.54
CA VAL E 99 0.78 15.40 26.02
C VAL E 99 0.20 14.50 27.13
N TYR E 100 0.34 13.20 26.96
CA TYR E 100 -0.18 12.28 27.91
C TYR E 100 0.61 10.99 27.76
N PRO E 101 0.92 10.32 28.86
CA PRO E 101 1.67 9.07 28.71
C PRO E 101 0.74 7.91 28.41
N SER E 102 1.14 6.94 27.62
CA SER E 102 0.24 5.79 27.42
C SER E 102 0.67 4.84 28.51
N LYS E 103 -0.27 4.13 29.11
CA LYS E 103 0.09 3.20 30.18
C LYS E 103 0.61 3.77 31.50
N THR E 104 -0.23 4.46 32.28
CA THR E 104 0.22 4.93 33.61
C THR E 104 0.93 3.79 34.35
N GLN E 105 2.20 4.01 34.67
CA GLN E 105 3.00 3.02 35.40
C GLN E 105 3.86 3.74 36.42
N PRO E 106 4.65 3.02 37.22
CA PRO E 106 5.46 3.75 38.20
C PRO E 106 6.63 4.46 37.53
N LEU E 107 7.16 5.47 38.23
CA LEU E 107 8.33 6.20 37.76
C LEU E 107 9.48 5.24 37.61
N GLN E 108 10.47 5.61 36.83
CA GLN E 108 11.59 4.73 36.65
C GLN E 108 11.23 3.50 35.86
N HIS E 109 9.99 3.39 35.38
CA HIS E 109 9.63 2.29 34.53
C HIS E 109 9.43 2.90 33.15
N HIS E 110 9.95 2.21 32.13
CA HIS E 110 9.81 2.65 30.73
C HIS E 110 8.36 3.03 30.43
N ASN E 111 8.17 4.20 29.84
CA ASN E 111 6.84 4.72 29.55
C ASN E 111 6.99 5.38 28.18
N LEU E 112 5.93 5.39 27.41
CA LEU E 112 5.97 5.98 26.09
C LEU E 112 5.16 7.26 26.18
N LEU E 113 5.80 8.41 26.09
CA LEU E 113 5.05 9.66 26.17
C LEU E 113 4.62 10.08 24.77
N VAL E 114 3.30 10.25 24.60
CA VAL E 114 2.64 10.65 23.34
C VAL E 114 2.34 12.14 23.21
N CYS E 115 2.65 12.67 22.03
CA CYS E 115 2.36 14.05 21.71
C CYS E 115 1.41 14.01 20.57
N SER E 116 0.12 14.21 20.85
CA SER E 116 -0.83 14.24 19.76
C SER E 116 -1.08 15.70 19.34
N VAL E 117 -0.95 15.94 18.05
CA VAL E 117 -1.16 17.22 17.46
C VAL E 117 -2.26 16.94 16.45
N SER E 118 -3.43 17.54 16.65
CA SER E 118 -4.48 17.26 15.69
C SER E 118 -5.26 18.51 15.37
N GLY E 119 -5.88 18.51 14.21
CA GLY E 119 -6.69 19.60 13.74
C GLY E 119 -6.04 20.63 12.82
N PHE E 120 -4.75 20.47 12.52
CA PHE E 120 -4.12 21.46 11.73
C PHE E 120 -4.24 21.40 10.25
N TYR E 121 -3.87 22.49 9.62
CA TYR E 121 -3.83 22.56 8.14
C TYR E 121 -2.94 23.80 8.00
N PRO E 122 -1.93 23.79 7.09
CA PRO E 122 -1.40 22.86 6.09
C PRO E 122 -0.71 21.65 6.78
N GLY E 123 -0.35 20.62 6.01
CA GLY E 123 0.28 19.44 6.58
C GLY E 123 1.69 19.62 7.13
N SER E 124 2.34 20.71 6.73
CA SER E 124 3.71 21.01 7.17
C SER E 124 3.73 21.51 8.62
N ILE E 125 4.41 20.78 9.50
CA ILE E 125 4.46 21.14 10.94
C ILE E 125 5.76 20.54 11.45
N GLU E 126 6.25 20.93 12.65
CA GLU E 126 7.46 20.31 13.21
C GLU E 126 7.23 20.01 14.65
N VAL E 127 7.43 18.75 15.07
CA VAL E 127 7.28 18.34 16.48
C VAL E 127 8.58 17.87 17.10
N ARG E 128 9.06 18.52 18.15
CA ARG E 128 10.30 18.11 18.82
C ARG E 128 10.00 17.84 20.29
N TRP E 129 10.76 16.92 20.89
CA TRP E 129 10.58 16.63 22.29
C TRP E 129 11.80 17.18 22.99
N PHE E 130 11.59 17.57 24.27
CA PHE E 130 12.66 18.10 25.12
C PHE E 130 12.51 17.42 26.48
N ARG E 131 13.62 17.02 27.08
CA ARG E 131 13.54 16.40 28.37
C ARG E 131 14.36 17.27 29.19
N ASN E 132 13.72 18.08 30.00
CA ASN E 132 14.47 18.98 30.89
C ASN E 132 15.17 19.99 30.01
N GLY E 133 14.37 20.68 29.19
CA GLY E 133 14.88 21.68 28.28
C GLY E 133 15.89 21.21 27.25
N GLN E 134 16.43 19.99 27.33
CA GLN E 134 17.40 19.57 26.32
C GLN E 134 16.70 18.70 25.34
N GLU E 135 16.73 19.08 24.08
CA GLU E 135 16.07 18.30 23.03
C GLU E 135 16.46 16.83 23.03
N GLU E 136 15.44 15.97 22.88
CA GLU E 136 15.61 14.54 22.84
C GLU E 136 15.31 14.09 21.47
N LYS E 137 16.38 13.75 20.77
CA LYS E 137 16.33 13.28 19.39
C LYS E 137 16.15 11.77 19.26
N ALA E 138 16.55 11.03 20.29
CA ALA E 138 16.41 9.60 20.18
C ALA E 138 15.21 8.95 20.86
N GLY E 139 14.83 7.80 20.35
CA GLY E 139 13.69 7.10 20.91
C GLY E 139 12.39 7.79 20.57
N VAL E 140 12.41 8.57 19.48
CA VAL E 140 11.25 9.30 18.98
C VAL E 140 10.61 8.46 17.88
N VAL E 141 9.40 7.99 18.15
CA VAL E 141 8.65 7.09 17.25
C VAL E 141 7.48 7.79 16.66
N SER E 142 7.53 8.17 15.42
CA SER E 142 6.38 8.89 14.87
C SER E 142 5.46 8.19 13.90
N THR E 143 4.21 8.62 13.86
CA THR E 143 3.22 8.02 13.00
C THR E 143 3.28 8.73 11.66
N GLY E 144 4.05 9.78 11.58
CA GLY E 144 4.06 10.50 10.34
C GLY E 144 2.73 11.24 10.26
N LEU E 145 2.62 12.07 9.24
CA LEU E 145 1.43 12.87 9.01
C LEU E 145 0.25 12.02 8.64
N ILE E 146 -0.95 12.40 9.05
CA ILE E 146 -2.18 11.67 8.77
C ILE E 146 -3.23 12.63 8.28
N GLN E 147 -3.77 12.40 7.10
CA GLN E 147 -4.75 13.29 6.48
C GLN E 147 -6.13 12.79 6.78
N ASN E 148 -6.88 13.60 7.53
CA ASN E 148 -8.26 13.28 7.96
C ASN E 148 -9.38 13.31 6.90
N GLY E 149 -9.03 13.84 5.73
CA GLY E 149 -9.95 13.91 4.59
C GLY E 149 -10.94 15.02 4.62
N ASP E 150 -10.81 15.88 5.63
CA ASP E 150 -11.74 17.00 5.84
C ASP E 150 -11.04 18.32 5.84
N TRP E 151 -9.81 18.32 5.33
CA TRP E 151 -8.99 19.50 5.25
C TRP E 151 -8.27 19.81 6.54
N THR E 152 -7.94 18.78 7.33
CA THR E 152 -7.18 18.96 8.57
C THR E 152 -6.32 17.69 8.67
N PHE E 153 -5.11 17.80 9.25
CA PHE E 153 -4.20 16.67 9.46
C PHE E 153 -4.05 16.30 10.94
N GLN E 154 -3.32 15.25 11.23
CA GLN E 154 -3.09 14.88 12.63
C GLN E 154 -1.88 13.96 12.56
N THR E 155 -1.15 13.82 13.67
CA THR E 155 0.03 12.98 13.73
C THR E 155 0.35 12.70 15.16
N LEU E 156 0.99 11.56 15.46
CA LEU E 156 1.36 11.26 16.84
C LEU E 156 2.85 11.02 16.90
N VAL E 157 3.54 11.72 17.81
CA VAL E 157 4.97 11.65 17.98
C VAL E 157 5.27 11.26 19.44
N MET E 158 5.69 10.00 19.64
CA MET E 158 6.00 9.45 20.96
C MET E 158 7.48 9.41 21.31
N LEU E 159 7.75 9.55 22.61
CA LEU E 159 9.11 9.56 23.14
C LEU E 159 9.15 8.45 24.14
N GLU E 160 10.16 7.60 24.01
CA GLU E 160 10.32 6.50 24.92
C GLU E 160 11.09 7.05 26.09
N THR E 161 10.56 6.93 27.30
CA THR E 161 11.27 7.40 28.49
C THR E 161 11.34 6.41 29.68
N VAL E 162 12.11 6.79 30.68
CA VAL E 162 12.17 6.04 31.91
C VAL E 162 12.22 7.24 32.84
N PRO E 163 11.03 7.79 33.16
CA PRO E 163 10.91 8.97 34.03
C PRO E 163 11.33 8.87 35.50
N ARG E 164 12.16 9.81 35.90
CA ARG E 164 12.62 9.90 37.28
C ARG E 164 11.84 11.15 37.66
N SER E 165 11.50 11.32 38.93
CA SER E 165 10.73 12.51 39.37
C SER E 165 11.31 13.82 38.93
N GLY E 166 10.46 14.83 38.89
CA GLY E 166 10.93 16.11 38.47
C GLY E 166 11.38 16.27 37.00
N GLU E 167 11.69 15.23 36.27
CA GLU E 167 12.10 15.49 34.91
C GLU E 167 10.92 16.09 34.24
N VAL E 168 11.08 17.21 33.52
CA VAL E 168 9.94 17.83 32.80
C VAL E 168 10.00 17.72 31.25
N TYR E 169 9.00 17.07 30.68
CA TYR E 169 8.96 16.84 29.26
C TYR E 169 8.09 17.81 28.55
N THR E 170 8.61 18.31 27.45
CA THR E 170 7.95 19.32 26.66
C THR E 170 7.81 18.89 25.22
N CYS E 171 6.67 19.25 24.62
CA CYS E 171 6.40 18.96 23.21
C CYS E 171 6.32 20.31 22.50
N GLN E 172 7.18 20.53 21.52
CA GLN E 172 7.17 21.78 20.82
C GLN E 172 6.69 21.67 19.40
N VAL E 173 5.63 22.39 19.11
CA VAL E 173 5.09 22.35 17.79
C VAL E 173 5.24 23.70 17.05
N GLU E 174 5.75 23.61 15.84
CA GLU E 174 5.90 24.74 14.93
C GLU E 174 5.02 24.49 13.71
N HIS E 175 4.19 25.47 13.42
CA HIS E 175 3.28 25.34 12.35
C HIS E 175 3.05 26.72 11.74
N PRO E 176 2.91 26.80 10.40
CA PRO E 176 2.69 28.09 9.75
C PRO E 176 1.50 28.86 10.33
N SER E 177 0.58 28.16 10.96
CA SER E 177 -0.59 28.78 11.55
C SER E 177 -0.31 29.51 12.85
N VAL E 178 0.94 29.52 13.30
CA VAL E 178 1.25 30.16 14.58
C VAL E 178 2.60 30.93 14.51
N THR E 179 2.76 31.99 15.32
CA THR E 179 4.00 32.81 15.35
C THR E 179 5.10 32.16 16.20
N SER E 180 4.79 31.93 17.47
CA SER E 180 5.75 31.29 18.35
C SER E 180 5.23 29.91 18.70
N PRO E 181 6.11 28.89 18.59
CA PRO E 181 5.88 27.48 18.87
C PRO E 181 4.97 27.19 20.01
N LEU E 182 4.12 26.20 19.82
CA LEU E 182 3.23 25.73 20.85
C LEU E 182 4.11 24.73 21.59
N THR E 183 4.01 24.70 22.92
CA THR E 183 4.78 23.76 23.75
C THR E 183 3.76 23.21 24.72
N VAL E 184 4.09 22.11 25.38
CA VAL E 184 3.19 21.49 26.34
C VAL E 184 3.99 20.50 27.13
N GLU E 185 4.15 20.84 28.39
CA GLU E 185 4.95 20.07 29.33
C GLU E 185 4.21 18.92 30.01
N TRP E 186 4.98 18.02 30.61
CA TRP E 186 4.48 16.89 31.33
C TRP E 186 5.51 16.62 32.41
N ARG E 187 5.04 16.62 33.66
CA ARG E 187 5.82 16.43 34.88
C ARG E 187 5.96 14.96 35.25
N ALA E 188 7.09 14.52 35.79
CA ALA E 188 7.16 13.11 36.17
C ALA E 188 6.37 12.99 37.50
N PRO F 1 -14.48 34.56 -7.91
CA PRO F 1 -13.93 33.80 -9.05
C PRO F 1 -14.61 32.49 -9.47
N LYS F 2 -14.35 32.08 -10.70
CA LYS F 2 -14.90 30.86 -11.26
C LYS F 2 -13.86 29.82 -11.51
N TYR F 3 -14.20 28.59 -11.17
CA TYR F 3 -13.27 27.53 -11.38
C TYR F 3 -13.38 27.26 -12.79
N VAL F 4 -12.25 27.25 -13.48
CA VAL F 4 -12.20 26.95 -14.90
C VAL F 4 -11.92 25.45 -15.16
N LYS F 5 -12.90 24.75 -15.71
CA LYS F 5 -12.75 23.34 -16.00
C LYS F 5 -12.06 23.20 -17.33
N GLN F 6 -11.58 22.00 -17.66
CA GLN F 6 -10.92 21.76 -18.91
C GLN F 6 -11.78 20.67 -19.48
N ASN F 7 -11.98 20.74 -20.80
CA ASN F 7 -12.87 19.85 -21.52
C ASN F 7 -12.21 18.65 -22.03
N THR F 8 -13.02 17.64 -22.19
CA THR F 8 -12.58 16.37 -22.68
C THR F 8 -12.72 16.24 -24.23
N LEU F 9 -11.60 15.81 -24.83
CA LEU F 9 -11.48 15.57 -26.25
C LEU F 9 -12.07 14.17 -26.48
N LYS F 10 -12.80 14.02 -27.56
CA LYS F 10 -13.39 12.75 -27.92
C LYS F 10 -12.28 11.94 -28.55
N LEU F 11 -12.32 10.62 -28.33
CA LEU F 11 -11.29 9.74 -28.87
C LEU F 11 -11.28 9.68 -30.39
N ALA F 12 -10.27 9.02 -30.92
CA ALA F 12 -10.16 8.86 -32.35
C ALA F 12 -11.07 7.70 -32.66
N THR F 13 -11.72 7.73 -33.82
CA THR F 13 -12.63 6.68 -34.28
C THR F 13 -11.97 5.98 -35.48
C1 NAG G . 22.00 3.67 4.20
C2 NAG G . 21.49 4.73 3.22
C3 NAG G . 22.61 5.47 2.42
C4 NAG G . 23.57 6.02 3.48
C5 NAG G . 24.13 4.88 4.28
C6 NAG G . 25.15 5.44 5.28
C7 NAG G . 19.35 4.76 2.12
C8 NAG G . 18.40 4.02 1.20
N2 NAG G . 20.50 4.15 2.32
O3 NAG G . 22.02 6.52 1.67
O4 NAG G . 24.67 6.87 2.99
O5 NAG G . 23.07 4.21 5.04
O6 NAG G . 25.47 4.51 6.28
O7 NAG G . 19.09 5.88 2.60
C1 NDG G . 25.06 7.02 1.65
C2 NDG G . 26.53 7.57 1.63
C3 NDG G . 26.70 9.10 1.84
C4 NDG G . 25.49 9.98 1.56
C5 NDG G . 24.23 9.23 1.93
C6 NDG G . 23.00 10.05 1.59
C7 NDG G . 27.83 5.73 2.56
C8 NDG G . 28.65 5.25 3.75
O5 NDG G . 24.18 8.02 1.15
O3 NDG G . 27.78 9.54 1.04
O4 NDG G . 25.56 11.18 2.31
O6 NDG G . 22.83 10.16 0.18
O7 NDG G . 27.62 5.01 1.55
N2 NDG G . 27.34 6.96 2.69
C1 NAG H . -23.14 -3.35 -2.23
C2 NAG H . -22.66 -4.43 -3.22
C3 NAG H . -23.80 -5.00 -4.08
C4 NAG H . -25.00 -5.35 -3.17
C5 NAG H . -25.42 -4.08 -2.44
C6 NAG H . -26.64 -4.32 -1.56
C7 NAG H . -20.34 -4.14 -3.88
C8 NAG H . -19.33 -3.40 -4.73
N2 NAG H . -21.63 -3.81 -4.05
O3 NAG H . -23.32 -6.18 -4.75
O4 NAG H . -26.15 -5.92 -3.89
O5 NAG H . -24.37 -3.67 -1.56
O6 NAG H . -26.93 -3.18 -0.74
O7 NAG H . -19.98 -5.05 -3.14
C1 NDG H . -26.45 -5.66 -5.25
C2 NDG H . -28.01 -5.66 -5.42
C3 NDG H . -28.63 -7.02 -5.18
C4 NDG H . -27.94 -8.03 -6.04
C5 NDG H . -26.49 -8.04 -5.57
C6 NDG H . -25.61 -9.18 -6.08
C7 NDG H . -28.36 -3.50 -4.35
C8 NDG H . -29.20 -2.76 -3.31
O5 NDG H . -25.90 -6.79 -5.96
O3 NDG H . -30.03 -7.01 -5.45
O4 NDG H . -28.57 -9.30 -5.90
O6 NDG H . -25.78 -9.38 -7.48
O7 NDG H . -27.40 -2.97 -4.95
N2 NDG H . -28.68 -4.78 -4.49
C1 NAG I . 14.35 14.34 -22.83
C2 NAG I . 13.26 15.28 -23.47
C3 NAG I . 13.68 16.75 -23.52
C4 NAG I . 14.04 17.14 -22.07
C5 NAG I . 15.26 16.29 -21.65
C6 NAG I . 15.91 16.67 -20.29
C7 NAG I . 11.72 14.14 -24.96
C8 NAG I . 11.31 13.75 -26.38
N2 NAG I . 12.84 14.86 -24.80
O3 NAG I . 12.62 17.55 -24.05
O4 NAG I . 14.31 18.54 -21.95
O5 NAG I . 14.88 14.88 -21.59
O6 NAG I . 15.38 15.94 -19.19
O7 NAG I . 11.04 13.74 -23.99
C1 NAG J . -5.97 -32.00 -13.63
C2 NAG J . -7.31 -32.82 -13.55
C3 NAG J . -7.17 -34.28 -13.11
C4 NAG J . -5.72 -34.73 -13.27
C5 NAG J . -4.84 -33.85 -12.37
C6 NAG J . -3.33 -34.19 -12.23
C7 NAG J . -8.94 -31.03 -13.12
C8 NAG J . -10.04 -30.48 -12.21
N2 NAG J . -8.35 -32.17 -12.75
O3 NAG J . -8.08 -35.11 -13.86
O4 NAG J . -5.59 -36.10 -12.85
O5 NAG J . -4.92 -32.44 -12.75
O6 NAG J . -2.84 -35.09 -13.26
O7 NAG J . -8.59 -30.38 -14.13
C1 NAG K . -10.08 -10.28 -28.75
C2 NAG K . -8.94 -11.31 -29.13
C3 NAG K . -9.55 -12.60 -29.71
C4 NAG K . -10.49 -13.18 -28.68
C5 NAG K . -11.61 -12.18 -28.39
C6 NAG K . -12.51 -12.66 -27.28
C7 NAG K . -6.99 -9.97 -29.64
C8 NAG K . -6.06 -9.41 -30.71
N2 NAG K . -7.99 -10.74 -30.07
O3 NAG K . -8.54 -13.56 -30.04
O4 NAG K . -11.02 -14.40 -29.17
O5 NAG K . -11.08 -10.91 -27.92
O6 NAG K . -11.91 -12.42 -26.02
O7 NAG K . -6.79 -9.72 -28.44
C1 NAG L . 10.03 32.20 -7.36
C2 NAG L . 11.31 33.08 -7.13
C3 NAG L . 10.95 34.57 -6.92
C4 NAG L . 9.51 34.84 -7.28
C5 NAG L . 8.60 34.01 -6.37
C6 NAG L . 7.12 34.14 -6.67
C7 NAG L . 12.93 31.62 -6.02
C8 NAG L . 13.61 31.24 -4.73
N2 NAG L . 12.05 32.61 -5.96
O3 NAG L . 11.79 35.40 -7.69
O4 NAG L . 9.24 36.22 -7.10
O5 NAG L . 8.97 32.59 -6.40
O6 NAG L . 6.80 35.40 -7.24
O7 NAG L . 13.20 31.04 -7.07
#